data_8GKX
# 
_entry.id   8GKX 
# 
_audit_conform.dict_name       mmcif_pdbx.dic 
_audit_conform.dict_version    5.396 
_audit_conform.dict_location   http://mmcif.pdb.org/dictionaries/ascii/mmcif_pdbx.dic 
# 
loop_
_database_2.database_id 
_database_2.database_code 
_database_2.pdbx_database_accession 
_database_2.pdbx_DOI 
PDB   8GKX         pdb_00008gkx 10.2210/pdb8gkx/pdb 
WWPDB D_1000273085 ?            ?                   
# 
loop_
_pdbx_audit_revision_history.ordinal 
_pdbx_audit_revision_history.data_content_type 
_pdbx_audit_revision_history.major_revision 
_pdbx_audit_revision_history.minor_revision 
_pdbx_audit_revision_history.revision_date 
1 'Structure model' 1 0 2023-11-15 
2 'Structure model' 2 0 2024-09-25 
# 
_pdbx_audit_revision_details.ordinal             1 
_pdbx_audit_revision_details.revision_ordinal    1 
_pdbx_audit_revision_details.data_content_type   'Structure model' 
_pdbx_audit_revision_details.provider            repository 
_pdbx_audit_revision_details.type                'Initial release' 
_pdbx_audit_revision_details.description         ? 
_pdbx_audit_revision_details.details             ? 
# 
loop_
_pdbx_audit_revision_group.ordinal 
_pdbx_audit_revision_group.revision_ordinal 
_pdbx_audit_revision_group.data_content_type 
_pdbx_audit_revision_group.group 
1 2 'Structure model' Advisory               
2 2 'Structure model' 'Atomic model'         
3 2 'Structure model' 'Data collection'      
4 2 'Structure model' 'Database references'  
5 2 'Structure model' 'Derived calculations' 
6 2 'Structure model' 'Polymer sequence'     
7 2 'Structure model' 'Source and taxonomy'  
8 2 'Structure model' 'Structure summary'    
# 
loop_
_pdbx_audit_revision_category.ordinal 
_pdbx_audit_revision_category.revision_ordinal 
_pdbx_audit_revision_category.data_content_type 
_pdbx_audit_revision_category.category 
1  2 'Structure model' atom_site                   
2  2 'Structure model' atom_site_anisotrop         
3  2 'Structure model' entity                      
4  2 'Structure model' entity_poly                 
5  2 'Structure model' entity_poly_seq             
6  2 'Structure model' pdbx_entity_nonpoly         
7  2 'Structure model' pdbx_entity_src_syn         
8  2 'Structure model' pdbx_nonpoly_scheme         
9  2 'Structure model' pdbx_poly_seq_scheme        
10 2 'Structure model' pdbx_struct_assembly_gen    
11 2 'Structure model' pdbx_validate_close_contact 
12 2 'Structure model' struct_asym                 
13 2 'Structure model' struct_conf                 
14 2 'Structure model' struct_conn                 
15 2 'Structure model' struct_ref                  
16 2 'Structure model' struct_ref_seq              
# 
loop_
_pdbx_audit_revision_item.ordinal 
_pdbx_audit_revision_item.revision_ordinal 
_pdbx_audit_revision_item.data_content_type 
_pdbx_audit_revision_item.item 
1  2 'Structure model' '_atom_site.B_iso_or_equiv'                  
2  2 'Structure model' '_atom_site.Cartn_x'                         
3  2 'Structure model' '_atom_site.Cartn_y'                         
4  2 'Structure model' '_atom_site.Cartn_z'                         
5  2 'Structure model' '_atom_site.auth_asym_id'                    
6  2 'Structure model' '_atom_site.auth_atom_id'                    
7  2 'Structure model' '_atom_site.auth_comp_id'                    
8  2 'Structure model' '_atom_site.auth_seq_id'                     
9  2 'Structure model' '_atom_site.group_PDB'                       
10 2 'Structure model' '_atom_site.label_alt_id'                    
11 2 'Structure model' '_atom_site.label_asym_id'                   
12 2 'Structure model' '_atom_site.label_atom_id'                   
13 2 'Structure model' '_atom_site.label_comp_id'                   
14 2 'Structure model' '_atom_site.label_entity_id'                 
15 2 'Structure model' '_atom_site.label_seq_id'                    
16 2 'Structure model' '_atom_site.occupancy'                       
17 2 'Structure model' '_atom_site.type_symbol'                     
18 2 'Structure model' '_atom_site_anisotrop.U[1][1]'               
19 2 'Structure model' '_atom_site_anisotrop.U[1][2]'               
20 2 'Structure model' '_atom_site_anisotrop.U[1][3]'               
21 2 'Structure model' '_atom_site_anisotrop.U[2][2]'               
22 2 'Structure model' '_atom_site_anisotrop.U[2][3]'               
23 2 'Structure model' '_atom_site_anisotrop.U[3][3]'               
24 2 'Structure model' '_atom_site_anisotrop.id'                    
25 2 'Structure model' '_atom_site_anisotrop.pdbx_auth_asym_id'     
26 2 'Structure model' '_atom_site_anisotrop.pdbx_auth_atom_id'     
27 2 'Structure model' '_atom_site_anisotrop.pdbx_auth_comp_id'     
28 2 'Structure model' '_atom_site_anisotrop.pdbx_auth_seq_id'      
29 2 'Structure model' '_atom_site_anisotrop.pdbx_label_alt_id'     
30 2 'Structure model' '_atom_site_anisotrop.pdbx_label_asym_id'    
31 2 'Structure model' '_atom_site_anisotrop.pdbx_label_atom_id'    
32 2 'Structure model' '_atom_site_anisotrop.pdbx_label_comp_id'    
33 2 'Structure model' '_atom_site_anisotrop.pdbx_label_seq_id'     
34 2 'Structure model' '_atom_site_anisotrop.type_symbol'           
35 2 'Structure model' '_entity_poly.pdbx_seq_one_letter_code'      
36 2 'Structure model' '_entity_poly.pdbx_seq_one_letter_code_can'  
37 2 'Structure model' '_pdbx_entity_src_syn.pdbx_end_seq_num'      
38 2 'Structure model' '_pdbx_struct_assembly_gen.asym_id_list'     
39 2 'Structure model' '_pdbx_validate_close_contact.auth_seq_id_2' 
40 2 'Structure model' '_struct_conf.beg_label_seq_id'              
41 2 'Structure model' '_struct_conf.end_label_seq_id'              
42 2 'Structure model' '_struct_conn.pdbx_dist_value'               
43 2 'Structure model' '_struct_conn.pdbx_leaving_atom_flag'        
44 2 'Structure model' '_struct_conn.ptnr1_auth_comp_id'            
45 2 'Structure model' '_struct_conn.ptnr1_auth_seq_id'             
46 2 'Structure model' '_struct_conn.ptnr1_label_atom_id'           
47 2 'Structure model' '_struct_conn.ptnr1_label_comp_id'           
48 2 'Structure model' '_struct_conn.ptnr1_label_seq_id'            
49 2 'Structure model' '_struct_conn.ptnr2_auth_comp_id'            
50 2 'Structure model' '_struct_conn.ptnr2_auth_seq_id'             
51 2 'Structure model' '_struct_conn.ptnr2_label_asym_id'           
52 2 'Structure model' '_struct_conn.ptnr2_label_atom_id'           
53 2 'Structure model' '_struct_conn.ptnr2_label_comp_id'           
54 2 'Structure model' '_struct_conn.ptnr2_label_seq_id'            
55 2 'Structure model' '_struct_ref.entity_id'                      
56 2 'Structure model' '_struct_ref_seq.seq_align_beg'              
57 2 'Structure model' '_struct_ref_seq.seq_align_end'              
# 
_pdbx_database_status.status_code                     REL 
_pdbx_database_status.status_code_sf                  REL 
_pdbx_database_status.status_code_mr                  ? 
_pdbx_database_status.entry_id                        8GKX 
_pdbx_database_status.recvd_initial_deposition_date   2023-03-20 
_pdbx_database_status.SG_entry                        N 
_pdbx_database_status.deposit_site                    RCSB 
_pdbx_database_status.process_site                    RCSB 
_pdbx_database_status.status_code_cs                  ? 
_pdbx_database_status.status_code_nmr_data            ? 
_pdbx_database_status.methods_development_category    ? 
_pdbx_database_status.pdb_format_compatible           Y 
# 
_pdbx_contact_author.id                 2 
_pdbx_contact_author.email              andyn@uic.edu 
_pdbx_contact_author.name_first         Andy 
_pdbx_contact_author.name_last          Nguyen 
_pdbx_contact_author.name_mi            I 
_pdbx_contact_author.role               'principal investigator/group leader' 
_pdbx_contact_author.identifier_ORCID   0000-0003-4137-6453 
# 
loop_
_audit_author.name 
_audit_author.pdbx_ordinal 
_audit_author.identifier_ORCID 
'Hess, S.S.'   1 0000-0002-2125-7679 
'Nguyen, A.I.' 2 0000-0003-4137-6453 
# 
_citation.abstract                  ? 
_citation.abstract_id_CAS           ? 
_citation.book_id_ISBN              ? 
_citation.book_publisher            ? 
_citation.book_publisher_city       ? 
_citation.book_title                ? 
_citation.coordinate_linkage        ? 
_citation.country                   US 
_citation.database_id_Medline       ? 
_citation.details                   ? 
_citation.id                        primary 
_citation.journal_abbrev            J.Am.Chem.Soc. 
_citation.journal_id_ASTM           JACSAT 
_citation.journal_id_CSD            ? 
_citation.journal_id_ISSN           1520-5126 
_citation.journal_full              ? 
_citation.journal_issue             ? 
_citation.journal_volume            145 
_citation.language                  ? 
_citation.page_first                19588 
_citation.page_last                 19600 
_citation.title                     'Noncovalent Peptide Assembly Enables Crystalline, Permutable, and Reactive Thiol Frameworks.' 
_citation.year                      2023 
_citation.database_id_CSD           ? 
_citation.pdbx_database_id_DOI      10.1021/jacs.3c03645 
_citation.pdbx_database_id_PubMed   37639365 
_citation.pdbx_database_id_patent   ? 
_citation.unpublished_flag          ? 
# 
loop_
_citation_author.citation_id 
_citation_author.name 
_citation_author.ordinal 
_citation_author.identifier_ORCID 
primary 'Hess, S.S.'   1 ?                   
primary 'Coppola, F.'  2 0000-0002-2429-204X 
primary 'Dang, V.T.'   3 ?                   
primary 'Tran, P.N.'   4 ?                   
primary 'Mickel, P.J.' 5 ?                   
primary 'Oktawiec, J.' 6 0000-0002-2895-3327 
primary 'Ren, Z.'      7 0000-0001-7098-3127 
primary 'Kral, P.'     8 0000-0003-2992-9027 
primary 'Nguyen, A.I.' 9 0000-0003-4137-6453 
# 
loop_
_entity.id 
_entity.type 
_entity.src_method 
_entity.pdbx_description 
_entity.formula_weight 
_entity.pdbx_number_of_molecules 
_entity.pdbx_ec 
_entity.pdbx_mutation 
_entity.pdbx_fragment 
_entity.details 
1 polymer syn 'bipyridyl-conjugated helical peptide' 1427.631 2  ? ? ? ? 
2 water   nat water                                  18.015   19 ? ? ? ? 
# 
_entity_poly.entity_id                      1 
_entity_poly.type                           'polypeptide(L)' 
_entity_poly.nstd_linkage                   no 
_entity_poly.nstd_monomer                   yes 
_entity_poly.pdbx_seq_one_letter_code       '(I6W)L(AIB)A(AIB)LHQ(AIB)L(I77)' 
_entity_poly.pdbx_seq_one_letter_code_can   XLAAALHQALX 
_entity_poly.pdbx_strand_id                 A,B 
_entity_poly.pdbx_target_identifier         ? 
# 
_pdbx_entity_nonpoly.entity_id   2 
_pdbx_entity_nonpoly.name        water 
_pdbx_entity_nonpoly.comp_id     HOH 
# 
loop_
_entity_poly_seq.entity_id 
_entity_poly_seq.num 
_entity_poly_seq.mon_id 
_entity_poly_seq.hetero 
1 1  I6W n 
1 2  LEU n 
1 3  AIB n 
1 4  ALA n 
1 5  AIB n 
1 6  LEU n 
1 7  HIS n 
1 8  GLN n 
1 9  AIB n 
1 10 LEU n 
1 11 I77 n 
# 
_pdbx_entity_src_syn.entity_id              1 
_pdbx_entity_src_syn.pdbx_src_id            1 
_pdbx_entity_src_syn.pdbx_alt_source_flag   sample 
_pdbx_entity_src_syn.pdbx_beg_seq_num       1 
_pdbx_entity_src_syn.pdbx_end_seq_num       11 
_pdbx_entity_src_syn.organism_scientific    'synthetic construct' 
_pdbx_entity_src_syn.organism_common_name   ? 
_pdbx_entity_src_syn.ncbi_taxonomy_id       32630 
_pdbx_entity_src_syn.details                ? 
# 
loop_
_chem_comp.id 
_chem_comp.type 
_chem_comp.mon_nstd_flag 
_chem_comp.name 
_chem_comp.pdbx_synonyms 
_chem_comp.formula 
_chem_comp.formula_weight 
AIB 'L-peptide linking' n 'ALPHA-AMINOISOBUTYRIC ACID'                            ? 'C4 H9 N O2'     103.120 
ALA 'L-peptide linking' y ALANINE                                                 ? 'C3 H7 N O2'     89.093  
GLN 'L-peptide linking' y GLUTAMINE                                               ? 'C5 H10 N2 O3'   146.144 
HIS 'L-peptide linking' y HISTIDINE                                               ? 'C6 H10 N3 O2 1' 156.162 
HOH non-polymer         . WATER                                                   ? 'H2 O'           18.015  
I6W non-polymer         . 
;ethyl 5'-formyl[2,2'-bipyridine]-5-carboxylate
;
? 'C14 H12 N2 O3'  256.257 
I77 non-polymer         . "5'-(hydrazinecarbonyl)[2,2'-bipyridine]-5-carboxamide" ? 'C12 H11 N5 O2'  257.248 
LEU 'L-peptide linking' y LEUCINE                                                 ? 'C6 H13 N O2'    131.173 
# 
loop_
_pdbx_poly_seq_scheme.asym_id 
_pdbx_poly_seq_scheme.entity_id 
_pdbx_poly_seq_scheme.seq_id 
_pdbx_poly_seq_scheme.mon_id 
_pdbx_poly_seq_scheme.ndb_seq_num 
_pdbx_poly_seq_scheme.pdb_seq_num 
_pdbx_poly_seq_scheme.auth_seq_num 
_pdbx_poly_seq_scheme.pdb_mon_id 
_pdbx_poly_seq_scheme.auth_mon_id 
_pdbx_poly_seq_scheme.pdb_strand_id 
_pdbx_poly_seq_scheme.pdb_ins_code 
_pdbx_poly_seq_scheme.hetero 
A 1 1  I6W 1  1  1  I6W BPE A . n 
A 1 2  LEU 2  2  2  LEU LEU A . n 
A 1 3  AIB 3  3  3  AIB AIB A . n 
A 1 4  ALA 4  4  4  ALA ALA A . n 
A 1 5  AIB 5  5  5  AIB AIB A . n 
A 1 6  LEU 6  6  6  LEU LEU A . n 
A 1 7  HIS 7  7  7  HIS HIS A . n 
A 1 8  GLN 8  8  8  GLN GLN A . n 
A 1 9  AIB 9  9  9  AIB AIB A . n 
A 1 10 LEU 10 10 10 LEU LEU A . n 
A 1 11 I77 11 11 11 I77 BPH A . n 
B 1 1  I6W 1  1  1  I6W BPE B . n 
B 1 2  LEU 2  2  2  LEU LEU B . n 
B 1 3  AIB 3  3  3  AIB AIB B . n 
B 1 4  ALA 4  4  4  ALA ALA B . n 
B 1 5  AIB 5  5  5  AIB AIB B . n 
B 1 6  LEU 6  6  6  LEU LEU B . n 
B 1 7  HIS 7  7  7  HIS HIS B . n 
B 1 8  GLN 8  8  8  GLN GLN B . n 
B 1 9  AIB 9  9  9  AIB AIB B . n 
B 1 10 LEU 10 10 10 LEU LEU B . n 
B 1 11 I77 11 11 11 I77 BPH B . n 
# 
loop_
_pdbx_nonpoly_scheme.asym_id 
_pdbx_nonpoly_scheme.entity_id 
_pdbx_nonpoly_scheme.mon_id 
_pdbx_nonpoly_scheme.ndb_seq_num 
_pdbx_nonpoly_scheme.pdb_seq_num 
_pdbx_nonpoly_scheme.auth_seq_num 
_pdbx_nonpoly_scheme.pdb_mon_id 
_pdbx_nonpoly_scheme.auth_mon_id 
_pdbx_nonpoly_scheme.pdb_strand_id 
_pdbx_nonpoly_scheme.pdb_ins_code 
C 2 HOH 1  201 1  HOH HOH A . 
C 2 HOH 2  202 2  HOH HOH A . 
C 2 HOH 3  203 4  HOH HOH A . 
C 2 HOH 4  204 7  HOH HOH A . 
C 2 HOH 5  205 9  HOH HOH A . 
C 2 HOH 6  206 13 HOH HOH A . 
D 2 HOH 1  201 10 HOH HOH B . 
D 2 HOH 2  202 6  HOH HOH B . 
D 2 HOH 3  203 3  HOH HOH B . 
D 2 HOH 4  204 8  HOH HOH B . 
D 2 HOH 5  205 5  HOH HOH B . 
D 2 HOH 6  206 12 HOH HOH B . 
D 2 HOH 7  207 11 HOH HOH B . 
D 2 HOH 8  208 17 HOH HOH B . 
D 2 HOH 9  209 18 HOH HOH B . 
D 2 HOH 10 210 19 HOH HOH B . 
D 2 HOH 11 211 14 HOH HOH B . 
D 2 HOH 12 212 15 HOH HOH B . 
D 2 HOH 13 213 16 HOH HOH B . 
# 
loop_
_software.citation_id 
_software.classification 
_software.compiler_name 
_software.compiler_version 
_software.contact_author 
_software.contact_author_email 
_software.date 
_software.description 
_software.dependencies 
_software.hardware 
_software.language 
_software.location 
_software.mods 
_software.name 
_software.os 
_software.os_version 
_software.type 
_software.version 
_software.pdbx_ordinal 
? refinement       ? ? ? ? ? ? ? ? ? ? ? PHENIX ? ? ? 1.19.2_4158 1 
? 'data reduction' ? ? ? ? ? ? ? ? ? ? ? XDS    ? ? ? .           2 
? 'data scaling'   ? ? ? ? ? ? ? ? ? ? ? XDS    ? ? ? .           3 
? phasing          ? ? ? ? ? ? ? ? ? ? ? PHASER ? ? ? .           4 
# 
_cell.angle_alpha                  90.000 
_cell.angle_alpha_esd              ? 
_cell.angle_beta                   93.768 
_cell.angle_beta_esd               ? 
_cell.angle_gamma                  90.000 
_cell.angle_gamma_esd              ? 
_cell.entry_id                     8GKX 
_cell.details                      ? 
_cell.formula_units_Z              ? 
_cell.length_a                     10.158 
_cell.length_a_esd                 ? 
_cell.length_b                     48.141 
_cell.length_b_esd                 ? 
_cell.length_c                     17.967 
_cell.length_c_esd                 ? 
_cell.volume                       8767.163 
_cell.volume_esd                   ? 
_cell.Z_PDB                        4 
_cell.reciprocal_angle_alpha       ? 
_cell.reciprocal_angle_beta        ? 
_cell.reciprocal_angle_gamma       ? 
_cell.reciprocal_angle_alpha_esd   ? 
_cell.reciprocal_angle_beta_esd    ? 
_cell.reciprocal_angle_gamma_esd   ? 
_cell.reciprocal_length_a          ? 
_cell.reciprocal_length_b          ? 
_cell.reciprocal_length_c          ? 
_cell.reciprocal_length_a_esd      ? 
_cell.reciprocal_length_b_esd      ? 
_cell.reciprocal_length_c_esd      ? 
_cell.pdbx_unique_axis             ? 
_cell.pdbx_esd_method              ? 
# 
_symmetry.entry_id                         8GKX 
_symmetry.cell_setting                     ? 
_symmetry.Int_Tables_number                4 
_symmetry.space_group_name_Hall            'P 2yb' 
_symmetry.space_group_name_H-M             'P 1 21 1' 
_symmetry.pdbx_full_space_group_name_H-M   ? 
# 
_exptl.absorpt_coefficient_mu     ? 
_exptl.absorpt_correction_T_max   ? 
_exptl.absorpt_correction_T_min   ? 
_exptl.absorpt_correction_type    ? 
_exptl.absorpt_process_details    ? 
_exptl.entry_id                   8GKX 
_exptl.crystals_number            1 
_exptl.details                    ? 
_exptl.method                     'X-RAY DIFFRACTION' 
_exptl.method_details             ? 
# 
_exptl_crystal.colour                       ? 
_exptl_crystal.density_diffrn               ? 
_exptl_crystal.density_Matthews             2.31 
_exptl_crystal.density_method               ? 
_exptl_crystal.density_percent_sol          46.68 
_exptl_crystal.description                  ? 
_exptl_crystal.F_000                        ? 
_exptl_crystal.id                           1 
_exptl_crystal.preparation                  ? 
_exptl_crystal.size_max                     ? 
_exptl_crystal.size_mid                     ? 
_exptl_crystal.size_min                     ? 
_exptl_crystal.size_rad                     ? 
_exptl_crystal.colour_lustre                ? 
_exptl_crystal.colour_modifier              ? 
_exptl_crystal.colour_primary               ? 
_exptl_crystal.density_meas                 ? 
_exptl_crystal.density_meas_esd             ? 
_exptl_crystal.density_meas_gt              ? 
_exptl_crystal.density_meas_lt              ? 
_exptl_crystal.density_meas_temp            ? 
_exptl_crystal.density_meas_temp_esd        ? 
_exptl_crystal.density_meas_temp_gt         ? 
_exptl_crystal.density_meas_temp_lt         ? 
_exptl_crystal.pdbx_crystal_image_url       ? 
_exptl_crystal.pdbx_crystal_image_format    ? 
_exptl_crystal.pdbx_mosaicity               ? 
_exptl_crystal.pdbx_mosaicity_esd           ? 
_exptl_crystal.pdbx_mosaic_method           ? 
_exptl_crystal.pdbx_mosaic_block_size       ? 
_exptl_crystal.pdbx_mosaic_block_size_esd   ? 
# 
_exptl_crystal_grow.apparatus       ? 
_exptl_crystal_grow.atmosphere      ? 
_exptl_crystal_grow.crystal_id      1 
_exptl_crystal_grow.details         ? 
_exptl_crystal_grow.method          'SLOW COOLING' 
_exptl_crystal_grow.method_ref      ? 
_exptl_crystal_grow.pH              ? 
_exptl_crystal_grow.pressure        ? 
_exptl_crystal_grow.pressure_esd    ? 
_exptl_crystal_grow.seeding         ? 
_exptl_crystal_grow.seeding_ref     ? 
_exptl_crystal_grow.temp_details    ? 
_exptl_crystal_grow.temp_esd        ? 
_exptl_crystal_grow.time            ? 
_exptl_crystal_grow.pdbx_details    Water/Acetonitrile 
_exptl_crystal_grow.pdbx_pH_range   ? 
_exptl_crystal_grow.temp            298 
# 
_diffrn.ambient_environment              ? 
_diffrn.ambient_temp                     100 
_diffrn.ambient_temp_details             ? 
_diffrn.ambient_temp_esd                 ? 
_diffrn.crystal_id                       1 
_diffrn.crystal_support                  ? 
_diffrn.crystal_treatment                ? 
_diffrn.details                          ? 
_diffrn.id                               1 
_diffrn.ambient_pressure                 ? 
_diffrn.ambient_pressure_esd             ? 
_diffrn.ambient_pressure_gt              ? 
_diffrn.ambient_pressure_lt              ? 
_diffrn.ambient_temp_gt                  ? 
_diffrn.ambient_temp_lt                  ? 
_diffrn.pdbx_serial_crystal_experiment   N 
# 
_diffrn_detector.details                      ? 
_diffrn_detector.detector                     PIXEL 
_diffrn_detector.diffrn_id                    1 
_diffrn_detector.type                         'DECTRIS EIGER X 9M' 
_diffrn_detector.area_resol_mean              ? 
_diffrn_detector.dtime                        ? 
_diffrn_detector.pdbx_frames_total            ? 
_diffrn_detector.pdbx_collection_time_total   ? 
_diffrn_detector.pdbx_collection_date         2021-11-02 
_diffrn_detector.pdbx_frequency               ? 
_diffrn_detector.id                           ? 
_diffrn_detector.number_of_axes               ? 
# 
_diffrn_radiation.collimation                      ? 
_diffrn_radiation.diffrn_id                        1 
_diffrn_radiation.filter_edge                      ? 
_diffrn_radiation.inhomogeneity                    ? 
_diffrn_radiation.monochromator                    ? 
_diffrn_radiation.polarisn_norm                    ? 
_diffrn_radiation.polarisn_ratio                   ? 
_diffrn_radiation.probe                            ? 
_diffrn_radiation.type                             ? 
_diffrn_radiation.xray_symbol                      ? 
_diffrn_radiation.wavelength_id                    1 
_diffrn_radiation.pdbx_monochromatic_or_laue_m_l   M 
_diffrn_radiation.pdbx_wavelength_list             ? 
_diffrn_radiation.pdbx_wavelength                  ? 
_diffrn_radiation.pdbx_diffrn_protocol             'SINGLE WAVELENGTH' 
_diffrn_radiation.pdbx_analyzer                    ? 
_diffrn_radiation.pdbx_scattering_type             x-ray 
# 
_diffrn_radiation_wavelength.id           1 
_diffrn_radiation_wavelength.wavelength   0.688800 
_diffrn_radiation_wavelength.wt           1.0 
# 
_diffrn_source.current                     ? 
_diffrn_source.details                     ? 
_diffrn_source.diffrn_id                   1 
_diffrn_source.power                       ? 
_diffrn_source.size                        ? 
_diffrn_source.source                      SYNCHROTRON 
_diffrn_source.target                      ? 
_diffrn_source.type                        'APS BEAMLINE 21-ID-D' 
_diffrn_source.voltage                     ? 
_diffrn_source.take-off_angle              ? 
_diffrn_source.pdbx_wavelength_list        0.688800 
_diffrn_source.pdbx_wavelength             ? 
_diffrn_source.pdbx_synchrotron_beamline   21-ID-D 
_diffrn_source.pdbx_synchrotron_site       APS 
# 
_reflns.B_iso_Wilson_estimate                          4.00 
_reflns.entry_id                                       8GKX 
_reflns.data_reduction_details                         ? 
_reflns.data_reduction_method                          ? 
_reflns.d_resolution_high                              0.81 
_reflns.d_resolution_low                               17.93 
_reflns.details                                        ? 
_reflns.limit_h_max                                    ? 
_reflns.limit_h_min                                    ? 
_reflns.limit_k_max                                    ? 
_reflns.limit_k_min                                    ? 
_reflns.limit_l_max                                    ? 
_reflns.limit_l_min                                    ? 
_reflns.number_all                                     ? 
_reflns.number_obs                                     32406 
_reflns.observed_criterion                             ? 
_reflns.observed_criterion_F_max                       ? 
_reflns.observed_criterion_F_min                       ? 
_reflns.observed_criterion_I_max                       ? 
_reflns.observed_criterion_I_min                       ? 
_reflns.observed_criterion_sigma_F                     ? 
_reflns.observed_criterion_sigma_I                     ? 
_reflns.percent_possible_obs                           97.34 
_reflns.R_free_details                                 ? 
_reflns.Rmerge_F_all                                   ? 
_reflns.Rmerge_F_obs                                   ? 
_reflns.Friedel_coverage                               ? 
_reflns.number_gt                                      ? 
_reflns.threshold_expression                           ? 
_reflns.pdbx_redundancy                                6.1 
_reflns.pdbx_netI_over_av_sigmaI                       ? 
_reflns.pdbx_netI_over_sigmaI                          11.26 
_reflns.pdbx_res_netI_over_av_sigmaI_2                 ? 
_reflns.pdbx_res_netI_over_sigmaI_2                    ? 
_reflns.pdbx_chi_squared                               ? 
_reflns.pdbx_scaling_rejects                           ? 
_reflns.pdbx_d_res_high_opt                            ? 
_reflns.pdbx_d_res_low_opt                             ? 
_reflns.pdbx_d_res_opt_method                          ? 
_reflns.phase_calculation_details                      ? 
_reflns.pdbx_Rrim_I_all                                ? 
_reflns.pdbx_Rpim_I_all                                ? 
_reflns.pdbx_d_opt                                     ? 
_reflns.pdbx_number_measured_all                       ? 
_reflns.pdbx_diffrn_id                                 1 
_reflns.pdbx_ordinal                                   1 
_reflns.pdbx_CC_half                                   ? 
_reflns.pdbx_CC_star                                   ? 
_reflns.pdbx_R_split                                   ? 
_reflns.pdbx_Rmerge_I_obs                              0.1108 
_reflns.pdbx_Rmerge_I_all                              ? 
_reflns.pdbx_Rsym_value                                ? 
_reflns.pdbx_CC_split_method                           ? 
_reflns.pdbx_aniso_diffraction_limit_axis_1_ortho[1]   ? 
_reflns.pdbx_aniso_diffraction_limit_axis_1_ortho[2]   ? 
_reflns.pdbx_aniso_diffraction_limit_axis_1_ortho[3]   ? 
_reflns.pdbx_aniso_diffraction_limit_axis_2_ortho[1]   ? 
_reflns.pdbx_aniso_diffraction_limit_axis_2_ortho[2]   ? 
_reflns.pdbx_aniso_diffraction_limit_axis_2_ortho[3]   ? 
_reflns.pdbx_aniso_diffraction_limit_axis_3_ortho[1]   ? 
_reflns.pdbx_aniso_diffraction_limit_axis_3_ortho[2]   ? 
_reflns.pdbx_aniso_diffraction_limit_axis_3_ortho[3]   ? 
_reflns.pdbx_aniso_diffraction_limit_1                 ? 
_reflns.pdbx_aniso_diffraction_limit_2                 ? 
_reflns.pdbx_aniso_diffraction_limit_3                 ? 
_reflns.pdbx_aniso_B_tensor_eigenvector_1_ortho[1]     ? 
_reflns.pdbx_aniso_B_tensor_eigenvector_1_ortho[2]     ? 
_reflns.pdbx_aniso_B_tensor_eigenvector_1_ortho[3]     ? 
_reflns.pdbx_aniso_B_tensor_eigenvector_2_ortho[1]     ? 
_reflns.pdbx_aniso_B_tensor_eigenvector_2_ortho[2]     ? 
_reflns.pdbx_aniso_B_tensor_eigenvector_2_ortho[3]     ? 
_reflns.pdbx_aniso_B_tensor_eigenvector_3_ortho[1]     ? 
_reflns.pdbx_aniso_B_tensor_eigenvector_3_ortho[2]     ? 
_reflns.pdbx_aniso_B_tensor_eigenvector_3_ortho[3]     ? 
_reflns.pdbx_aniso_B_tensor_eigenvalue_1               ? 
_reflns.pdbx_aniso_B_tensor_eigenvalue_2               ? 
_reflns.pdbx_aniso_B_tensor_eigenvalue_3               ? 
_reflns.pdbx_orthogonalization_convention              ? 
_reflns.pdbx_percent_possible_ellipsoidal              ? 
_reflns.pdbx_percent_possible_spherical                ? 
_reflns.pdbx_percent_possible_ellipsoidal_anomalous    ? 
_reflns.pdbx_percent_possible_spherical_anomalous      ? 
_reflns.pdbx_redundancy_anomalous                      ? 
_reflns.pdbx_CC_half_anomalous                         ? 
_reflns.pdbx_absDiff_over_sigma_anomalous              ? 
_reflns.pdbx_percent_possible_anomalous                ? 
_reflns.pdbx_observed_signal_threshold                 ? 
_reflns.pdbx_signal_type                               ? 
_reflns.pdbx_signal_details                            ? 
_reflns.pdbx_signal_software_id                        ? 
# 
_reflns_shell.d_res_high                                    0.81 
_reflns_shell.d_res_low                                     0.839 
_reflns_shell.meanI_over_sigI_all                           ? 
_reflns_shell.meanI_over_sigI_obs                           ? 
_reflns_shell.number_measured_all                           ? 
_reflns_shell.number_measured_obs                           ? 
_reflns_shell.number_possible                               ? 
_reflns_shell.number_unique_all                             ? 
_reflns_shell.number_unique_obs                             1718 
_reflns_shell.percent_possible_obs                          ? 
_reflns_shell.Rmerge_F_all                                  ? 
_reflns_shell.Rmerge_F_obs                                  ? 
_reflns_shell.meanI_over_sigI_gt                            ? 
_reflns_shell.meanI_over_uI_all                             ? 
_reflns_shell.meanI_over_uI_gt                              ? 
_reflns_shell.number_measured_gt                            ? 
_reflns_shell.number_unique_gt                              ? 
_reflns_shell.percent_possible_gt                           ? 
_reflns_shell.Rmerge_F_gt                                   ? 
_reflns_shell.Rmerge_I_gt                                   ? 
_reflns_shell.pdbx_redundancy                               ? 
_reflns_shell.pdbx_chi_squared                              ? 
_reflns_shell.pdbx_netI_over_sigmaI_all                     ? 
_reflns_shell.pdbx_netI_over_sigmaI_obs                     ? 
_reflns_shell.pdbx_Rrim_I_all                               ? 
_reflns_shell.pdbx_Rpim_I_all                               ? 
_reflns_shell.pdbx_rejects                                  ? 
_reflns_shell.pdbx_ordinal                                  1 
_reflns_shell.pdbx_diffrn_id                                1 
_reflns_shell.pdbx_CC_half                                  ? 
_reflns_shell.pdbx_CC_star                                  ? 
_reflns_shell.pdbx_R_split                                  ? 
_reflns_shell.percent_possible_all                          ? 
_reflns_shell.Rmerge_I_all                                  ? 
_reflns_shell.Rmerge_I_obs                                  0.557 
_reflns_shell.pdbx_Rsym_value                               ? 
_reflns_shell.pdbx_percent_possible_ellipsoidal             ? 
_reflns_shell.pdbx_percent_possible_spherical               ? 
_reflns_shell.pdbx_percent_possible_ellipsoidal_anomalous   ? 
_reflns_shell.pdbx_percent_possible_spherical_anomalous     ? 
_reflns_shell.pdbx_redundancy_anomalous                     ? 
_reflns_shell.pdbx_CC_half_anomalous                        ? 
_reflns_shell.pdbx_absDiff_over_sigma_anomalous             ? 
_reflns_shell.pdbx_percent_possible_anomalous               ? 
# 
_refine.aniso_B[1][1]                            ? 
_refine.aniso_B[1][2]                            ? 
_refine.aniso_B[1][3]                            ? 
_refine.aniso_B[2][2]                            ? 
_refine.aniso_B[2][3]                            ? 
_refine.aniso_B[3][3]                            ? 
_refine.B_iso_max                                ? 
_refine.B_iso_mean                               5.03 
_refine.B_iso_min                                ? 
_refine.correlation_coeff_Fo_to_Fc               ? 
_refine.correlation_coeff_Fo_to_Fc_free          ? 
_refine.details                                  ? 
_refine.diff_density_max                         ? 
_refine.diff_density_max_esd                     ? 
_refine.diff_density_min                         ? 
_refine.diff_density_min_esd                     ? 
_refine.diff_density_rms                         ? 
_refine.diff_density_rms_esd                     ? 
_refine.entry_id                                 8GKX 
_refine.pdbx_refine_id                           'X-RAY DIFFRACTION' 
_refine.ls_abs_structure_details                 ? 
_refine.ls_abs_structure_Flack                   ? 
_refine.ls_abs_structure_Flack_esd               ? 
_refine.ls_abs_structure_Rogers                  ? 
_refine.ls_abs_structure_Rogers_esd              ? 
_refine.ls_d_res_high                            0.81 
_refine.ls_d_res_low                             17.93 
_refine.ls_extinction_coef                       ? 
_refine.ls_extinction_coef_esd                   ? 
_refine.ls_extinction_expression                 ? 
_refine.ls_extinction_method                     ? 
_refine.ls_goodness_of_fit_all                   ? 
_refine.ls_goodness_of_fit_all_esd               ? 
_refine.ls_goodness_of_fit_obs                   ? 
_refine.ls_goodness_of_fit_obs_esd               ? 
_refine.ls_hydrogen_treatment                    ? 
_refine.ls_matrix_type                           ? 
_refine.ls_number_constraints                    ? 
_refine.ls_number_parameters                     ? 
_refine.ls_number_reflns_all                     ? 
_refine.ls_number_reflns_obs                     32406 
_refine.ls_number_reflns_R_free                  3184 
_refine.ls_number_reflns_R_work                  29222 
_refine.ls_number_restraints                     ? 
_refine.ls_percent_reflns_obs                    93.66 
_refine.ls_percent_reflns_R_free                 9.83 
_refine.ls_R_factor_all                          ? 
_refine.ls_R_factor_obs                          0.1268 
_refine.ls_R_factor_R_free                       0.1381 
_refine.ls_R_factor_R_free_error                 ? 
_refine.ls_R_factor_R_free_error_details         ? 
_refine.ls_R_factor_R_work                       0.1256 
_refine.ls_R_Fsqd_factor_obs                     ? 
_refine.ls_R_I_factor_obs                        ? 
_refine.ls_redundancy_reflns_all                 ? 
_refine.ls_redundancy_reflns_obs                 ? 
_refine.ls_restrained_S_all                      ? 
_refine.ls_restrained_S_obs                      ? 
_refine.ls_shift_over_esd_max                    ? 
_refine.ls_shift_over_esd_mean                   ? 
_refine.ls_structure_factor_coef                 ? 
_refine.ls_weighting_details                     ? 
_refine.ls_weighting_scheme                      ? 
_refine.ls_wR_factor_all                         ? 
_refine.ls_wR_factor_obs                         ? 
_refine.ls_wR_factor_R_free                      ? 
_refine.ls_wR_factor_R_work                      ? 
_refine.occupancy_max                            ? 
_refine.occupancy_min                            ? 
_refine.solvent_model_details                    'FLAT BULK SOLVENT MODEL' 
_refine.solvent_model_param_bsol                 ? 
_refine.solvent_model_param_ksol                 ? 
_refine.pdbx_R_complete                          ? 
_refine.ls_R_factor_gt                           ? 
_refine.ls_goodness_of_fit_gt                    ? 
_refine.ls_goodness_of_fit_ref                   ? 
_refine.ls_shift_over_su_max                     ? 
_refine.ls_shift_over_su_max_lt                  ? 
_refine.ls_shift_over_su_mean                    ? 
_refine.ls_shift_over_su_mean_lt                 ? 
_refine.pdbx_ls_sigma_I                          ? 
_refine.pdbx_ls_sigma_F                          1.34 
_refine.pdbx_ls_sigma_Fsqd                       ? 
_refine.pdbx_data_cutoff_high_absF               ? 
_refine.pdbx_data_cutoff_high_rms_absF           ? 
_refine.pdbx_data_cutoff_low_absF                ? 
_refine.pdbx_isotropic_thermal_model             ? 
_refine.pdbx_ls_cross_valid_method               'FREE R-VALUE' 
_refine.pdbx_method_to_determine_struct          'MOLECULAR REPLACEMENT' 
_refine.pdbx_starting_model                      ? 
_refine.pdbx_stereochemistry_target_values       'GeoStd + Monomer Library + CDL v1.2' 
_refine.pdbx_R_Free_selection_details            ? 
_refine.pdbx_stereochem_target_val_spec_case     ? 
_refine.pdbx_overall_ESU_R                       ? 
_refine.pdbx_overall_ESU_R_Free                  ? 
_refine.pdbx_solvent_vdw_probe_radii             1.1100 
_refine.pdbx_solvent_ion_probe_radii             ? 
_refine.pdbx_solvent_shrinkage_radii             0.9000 
_refine.pdbx_real_space_R                        ? 
_refine.pdbx_density_correlation                 ? 
_refine.pdbx_pd_number_of_powder_patterns        ? 
_refine.pdbx_pd_number_of_points                 ? 
_refine.pdbx_pd_meas_number_of_points            ? 
_refine.pdbx_pd_proc_ls_prof_R_factor            ? 
_refine.pdbx_pd_proc_ls_prof_wR_factor           ? 
_refine.pdbx_pd_Marquardt_correlation_coeff      ? 
_refine.pdbx_pd_Fsqrd_R_factor                   ? 
_refine.pdbx_pd_ls_matrix_band_width             ? 
_refine.pdbx_overall_phase_error                 16.6180 
_refine.pdbx_overall_SU_R_free_Cruickshank_DPI   ? 
_refine.pdbx_overall_SU_R_free_Blow_DPI          ? 
_refine.pdbx_overall_SU_R_Blow_DPI               ? 
_refine.pdbx_TLS_residual_ADP_flag               ? 
_refine.pdbx_diffrn_id                           1 
_refine.overall_SU_B                             ? 
_refine.overall_SU_ML                            0.0809 
_refine.overall_SU_R_Cruickshank_DPI             ? 
_refine.overall_SU_R_free                        ? 
_refine.overall_FOM_free_R_set                   ? 
_refine.overall_FOM_work_R_set                   ? 
_refine.pdbx_average_fsc_overall                 ? 
_refine.pdbx_average_fsc_work                    ? 
_refine.pdbx_average_fsc_free                    ? 
# 
_refine_hist.pdbx_refine_id                   'X-RAY DIFFRACTION' 
_refine_hist.cycle_id                         LAST 
_refine_hist.details                          ? 
_refine_hist.d_res_high                       0.81 
_refine_hist.d_res_low                        17.93 
_refine_hist.number_atoms_solvent             19 
_refine_hist.number_atoms_total               227 
_refine_hist.number_reflns_all                ? 
_refine_hist.number_reflns_obs                ? 
_refine_hist.number_reflns_R_free             ? 
_refine_hist.number_reflns_R_work             ? 
_refine_hist.R_factor_all                     ? 
_refine_hist.R_factor_obs                     ? 
_refine_hist.R_factor_R_free                  ? 
_refine_hist.R_factor_R_work                  ? 
_refine_hist.pdbx_number_residues_total       ? 
_refine_hist.pdbx_B_iso_mean_ligand           ? 
_refine_hist.pdbx_B_iso_mean_solvent          ? 
_refine_hist.pdbx_number_atoms_protein        170 
_refine_hist.pdbx_number_atoms_nucleic_acid   0 
_refine_hist.pdbx_number_atoms_ligand         38 
_refine_hist.pdbx_number_atoms_lipid          ? 
_refine_hist.pdbx_number_atoms_carb           ? 
_refine_hist.pdbx_pseudo_atom_details         ? 
# 
loop_
_refine_ls_restr.pdbx_refine_id 
_refine_ls_restr.criterion 
_refine_ls_restr.dev_ideal 
_refine_ls_restr.dev_ideal_target 
_refine_ls_restr.number 
_refine_ls_restr.rejects 
_refine_ls_restr.type 
_refine_ls_restr.weight 
_refine_ls_restr.pdbx_restraint_function 
'X-RAY DIFFRACTION' ? 0.0119  ? 222 ? f_bond_d           ? ? 
'X-RAY DIFFRACTION' ? 1.9129  ? 309 ? f_angle_d          ? ? 
'X-RAY DIFFRACTION' ? 0.0463  ? 19  ? f_chiral_restr     ? ? 
'X-RAY DIFFRACTION' ? 0.0126  ? 37  ? f_plane_restr      ? ? 
'X-RAY DIFFRACTION' ? 36.7018 ? 38  ? f_dihedral_angle_d ? ? 
# 
loop_
_refine_ls_shell.pdbx_refine_id 
_refine_ls_shell.d_res_high 
_refine_ls_shell.d_res_low 
_refine_ls_shell.number_reflns_all 
_refine_ls_shell.number_reflns_obs 
_refine_ls_shell.number_reflns_R_free 
_refine_ls_shell.number_reflns_R_work 
_refine_ls_shell.percent_reflns_obs 
_refine_ls_shell.percent_reflns_R_free 
_refine_ls_shell.R_factor_all 
_refine_ls_shell.R_factor_obs 
_refine_ls_shell.R_factor_R_free_error 
_refine_ls_shell.R_factor_R_work 
_refine_ls_shell.redundancy_reflns_all 
_refine_ls_shell.redundancy_reflns_obs 
_refine_ls_shell.wR_factor_all 
_refine_ls_shell.wR_factor_obs 
_refine_ls_shell.wR_factor_R_free 
_refine_ls_shell.wR_factor_R_work 
_refine_ls_shell.pdbx_R_complete 
_refine_ls_shell.pdbx_total_number_of_bins_used 
_refine_ls_shell.pdbx_phase_error 
_refine_ls_shell.pdbx_fsc_work 
_refine_ls_shell.pdbx_fsc_free 
_refine_ls_shell.R_factor_R_free 
'X-RAY DIFFRACTION' 0.81 0.82  . . 165 1204 88.95 . . . . 0.3450 . . . . . . . . . . . 0.3581 
'X-RAY DIFFRACTION' 0.82 0.83  . . 128 1243 90.38 . . . . 0.2952 . . . . . . . . . . . 0.2866 
'X-RAY DIFFRACTION' 0.83 0.85  . . 116 1305 91.27 . . . . 0.2725 . . . . . . . . . . . 0.3353 
'X-RAY DIFFRACTION' 0.85 0.86  . . 121 1192 91.12 . . . . 0.2478 . . . . . . . . . . . 0.2360 
'X-RAY DIFFRACTION' 0.86 0.88  . . 135 1204 90.90 . . . . 0.2394 . . . . . . . . . . . 0.2557 
'X-RAY DIFFRACTION' 0.88 0.90  . . 147 1247 91.53 . . . . 0.2219 . . . . . . . . . . . 0.2796 
'X-RAY DIFFRACTION' 0.90 0.91  . . 144 1286 92.74 . . . . 0.2009 . . . . . . . . . . . 0.1900 
'X-RAY DIFFRACTION' 0.91 0.93  . . 113 1274 93.09 . . . . 0.1648 . . . . . . . . . . . 0.1762 
'X-RAY DIFFRACTION' 0.93 0.96  . . 134 1236 94.42 . . . . 0.1491 . . . . . . . . . . . 0.1756 
'X-RAY DIFFRACTION' 0.96 0.98  . . 130 1259 92.42 . . . . 0.1497 . . . . . . . . . . . 0.1655 
'X-RAY DIFFRACTION' 0.98 1.01  . . 144 1285 90.16 . . . . 0.1299 . . . . . . . . . . . 0.1503 
'X-RAY DIFFRACTION' 1.01 1.04  . . 135 1117 86.05 . . . . 0.1221 . . . . . . . . . . . 0.1402 
'X-RAY DIFFRACTION' 1.04 1.07  . . 129 1305 96.31 . . . . 0.1071 . . . . . . . . . . . 0.1144 
'X-RAY DIFFRACTION' 1.07 1.11  . . 151 1340 97.71 . . . . 0.0976 . . . . . . . . . . . 0.1028 
'X-RAY DIFFRACTION' 1.11 1.15  . . 147 1269 96.72 . . . . 0.0940 . . . . . . . . . . . 0.1101 
'X-RAY DIFFRACTION' 1.15 1.20  . . 142 1343 97.50 . . . . 0.0939 . . . . . . . . . . . 0.0964 
'X-RAY DIFFRACTION' 1.20 1.27  . . 150 1341 96.44 . . . . 0.0933 . . . . . . . . . . . 0.1005 
'X-RAY DIFFRACTION' 1.27 1.35  . . 137 1267 97.84 . . . . 0.0969 . . . . . . . . . . . 0.0947 
'X-RAY DIFFRACTION' 1.35 1.45  . . 141 1375 97.24 . . . . 0.1132 . . . . . . . . . . . 0.1219 
'X-RAY DIFFRACTION' 1.45 1.60  . . 147 1241 95.86 . . . . 0.1091 . . . . . . . . . . . 0.0958 
'X-RAY DIFFRACTION' 1.60 1.83  . . 127 1217 88.54 . . . . 0.1130 . . . . . . . . . . . 0.1352 
'X-RAY DIFFRACTION' 1.83 2.30  . . 141 1340 99.00 . . . . 0.0980 . . . . . . . . . . . 0.1057 
'X-RAY DIFFRACTION' 2.30 17.93 . . 160 1332 98.68 . . . . 0.1099 . . . . . . . . . . . 0.1378 
# 
_struct.entry_id                     8GKX 
_struct.title                        'Porous framework formed by assembly of a bipyridyl-conjugated helical peptide' 
_struct.pdbx_model_details           ? 
_struct.pdbx_formula_weight          ? 
_struct.pdbx_formula_weight_method   ? 
_struct.pdbx_model_type_details      ? 
_struct.pdbx_CASP_flag               N 
# 
_struct_keywords.entry_id        8GKX 
_struct_keywords.text            'DE NOVO PROTEIN' 
_struct_keywords.pdbx_keywords   'DE NOVO PROTEIN' 
# 
loop_
_struct_asym.id 
_struct_asym.pdbx_blank_PDB_chainid_flag 
_struct_asym.pdbx_modified 
_struct_asym.entity_id 
_struct_asym.details 
A N N 1 ? 
B N N 1 ? 
C N N 2 ? 
D N N 2 ? 
# 
_struct_ref.id                         1 
_struct_ref.db_name                    PDB 
_struct_ref.db_code                    8GKX 
_struct_ref.pdbx_db_accession          8GKX 
_struct_ref.pdbx_db_isoform            ? 
_struct_ref.entity_id                  2 
_struct_ref.pdbx_seq_one_letter_code   ? 
_struct_ref.pdbx_align_begin           1 
# 
loop_
_struct_ref_seq.align_id 
_struct_ref_seq.ref_id 
_struct_ref_seq.pdbx_PDB_id_code 
_struct_ref_seq.pdbx_strand_id 
_struct_ref_seq.seq_align_beg 
_struct_ref_seq.pdbx_seq_align_beg_ins_code 
_struct_ref_seq.seq_align_end 
_struct_ref_seq.pdbx_seq_align_end_ins_code 
_struct_ref_seq.pdbx_db_accession 
_struct_ref_seq.db_align_beg 
_struct_ref_seq.pdbx_db_align_beg_ins_code 
_struct_ref_seq.db_align_end 
_struct_ref_seq.pdbx_db_align_end_ins_code 
_struct_ref_seq.pdbx_auth_seq_align_beg 
_struct_ref_seq.pdbx_auth_seq_align_end 
1 1 8GKX A 2 ? 10 ? 8GKX 2 ? 10 ? 2 10 
2 1 8GKX B 2 ? 10 ? 8GKX 2 ? 10 ? 2 10 
# 
_pdbx_struct_assembly.id                   1 
_pdbx_struct_assembly.details              author_defined_assembly 
_pdbx_struct_assembly.method_details       ? 
_pdbx_struct_assembly.oligomeric_details   dimeric 
_pdbx_struct_assembly.oligomeric_count     2 
# 
_pdbx_struct_assembly_gen.assembly_id       1 
_pdbx_struct_assembly_gen.oper_expression   1 
_pdbx_struct_assembly_gen.asym_id_list      A,B,C,D 
# 
_pdbx_struct_assembly_auth_evidence.id                     1 
_pdbx_struct_assembly_auth_evidence.assembly_id            1 
_pdbx_struct_assembly_auth_evidence.experimental_support   none 
_pdbx_struct_assembly_auth_evidence.details                ? 
# 
_pdbx_struct_oper_list.id                   1 
_pdbx_struct_oper_list.type                 'identity operation' 
_pdbx_struct_oper_list.name                 1_555 
_pdbx_struct_oper_list.symmetry_operation   x,y,z 
_pdbx_struct_oper_list.matrix[1][1]         1.0000000000 
_pdbx_struct_oper_list.matrix[1][2]         0.0000000000 
_pdbx_struct_oper_list.matrix[1][3]         0.0000000000 
_pdbx_struct_oper_list.vector[1]            0.0000000000 
_pdbx_struct_oper_list.matrix[2][1]         0.0000000000 
_pdbx_struct_oper_list.matrix[2][2]         1.0000000000 
_pdbx_struct_oper_list.matrix[2][3]         0.0000000000 
_pdbx_struct_oper_list.vector[2]            0.0000000000 
_pdbx_struct_oper_list.matrix[3][1]         0.0000000000 
_pdbx_struct_oper_list.matrix[3][2]         0.0000000000 
_pdbx_struct_oper_list.matrix[3][3]         1.0000000000 
_pdbx_struct_oper_list.vector[3]            0.0000000000 
# 
loop_
_struct_conf.conf_type_id 
_struct_conf.id 
_struct_conf.pdbx_PDB_helix_id 
_struct_conf.beg_label_comp_id 
_struct_conf.beg_label_asym_id 
_struct_conf.beg_label_seq_id 
_struct_conf.pdbx_beg_PDB_ins_code 
_struct_conf.end_label_comp_id 
_struct_conf.end_label_asym_id 
_struct_conf.end_label_seq_id 
_struct_conf.pdbx_end_PDB_ins_code 
_struct_conf.beg_auth_comp_id 
_struct_conf.beg_auth_asym_id 
_struct_conf.beg_auth_seq_id 
_struct_conf.end_auth_comp_id 
_struct_conf.end_auth_asym_id 
_struct_conf.end_auth_seq_id 
_struct_conf.pdbx_PDB_helix_class 
_struct_conf.details 
_struct_conf.pdbx_PDB_helix_length 
HELX_P HELX_P1 AA1 AIB A 3 ? LEU A 10 ? AIB A 3 LEU A 10 1 ? 8 
HELX_P HELX_P2 AA2 AIB B 3 ? LEU B 10 ? AIB B 3 LEU B 10 1 ? 8 
# 
_struct_conf_type.id          HELX_P 
_struct_conf_type.criteria    ? 
_struct_conf_type.reference   ? 
# 
loop_
_struct_conn.id 
_struct_conn.conn_type_id 
_struct_conn.pdbx_leaving_atom_flag 
_struct_conn.pdbx_PDB_id 
_struct_conn.ptnr1_label_asym_id 
_struct_conn.ptnr1_label_comp_id 
_struct_conn.ptnr1_label_seq_id 
_struct_conn.ptnr1_label_atom_id 
_struct_conn.pdbx_ptnr1_label_alt_id 
_struct_conn.pdbx_ptnr1_PDB_ins_code 
_struct_conn.pdbx_ptnr1_standard_comp_id 
_struct_conn.ptnr1_symmetry 
_struct_conn.ptnr2_label_asym_id 
_struct_conn.ptnr2_label_comp_id 
_struct_conn.ptnr2_label_seq_id 
_struct_conn.ptnr2_label_atom_id 
_struct_conn.pdbx_ptnr2_label_alt_id 
_struct_conn.pdbx_ptnr2_PDB_ins_code 
_struct_conn.ptnr1_auth_asym_id 
_struct_conn.ptnr1_auth_comp_id 
_struct_conn.ptnr1_auth_seq_id 
_struct_conn.ptnr2_auth_asym_id 
_struct_conn.ptnr2_auth_comp_id 
_struct_conn.ptnr2_auth_seq_id 
_struct_conn.ptnr2_symmetry 
_struct_conn.pdbx_ptnr3_label_atom_id 
_struct_conn.pdbx_ptnr3_label_seq_id 
_struct_conn.pdbx_ptnr3_label_comp_id 
_struct_conn.pdbx_ptnr3_label_asym_id 
_struct_conn.pdbx_ptnr3_label_alt_id 
_struct_conn.pdbx_ptnr3_PDB_ins_code 
_struct_conn.details 
_struct_conn.pdbx_dist_value 
_struct_conn.pdbx_value_order 
_struct_conn.pdbx_role 
covale1  covale one  ? A I6W 1  C02 ? ? ? 1_555 A LEU 2  N   ? ? A I6W 1  A LEU 2  1_555 ? ? ? ? ? ? ? 1.418 ? ? 
covale2  covale both ? A LEU 2  C   ? ? ? 1_555 A AIB 3  N   ? ? A LEU 2  A AIB 3  1_555 ? ? ? ? ? ? ? 1.337 ? ? 
covale3  covale both ? A AIB 3  C   ? ? ? 1_555 A ALA 4  N   ? ? A AIB 3  A ALA 4  1_555 ? ? ? ? ? ? ? 1.330 ? ? 
covale4  covale both ? A ALA 4  C   ? ? ? 1_555 A AIB 5  N   ? ? A ALA 4  A AIB 5  1_555 ? ? ? ? ? ? ? 1.333 ? ? 
covale5  covale both ? A AIB 5  C   ? ? ? 1_555 A LEU 6  N   ? ? A AIB 5  A LEU 6  1_555 ? ? ? ? ? ? ? 1.331 ? ? 
covale6  covale both ? A GLN 8  C   ? ? ? 1_555 A AIB 9  N   ? ? A GLN 8  A AIB 9  1_555 ? ? ? ? ? ? ? 1.331 ? ? 
covale7  covale both ? A AIB 9  C   ? ? ? 1_555 A LEU 10 N   ? ? A AIB 9  A LEU 10 1_555 ? ? ? ? ? ? ? 1.337 ? ? 
covale8  covale one  ? A LEU 10 C   ? ? ? 1_555 A I77 11 N15 ? ? A LEU 10 A I77 11 1_555 ? ? ? ? ? ? ? 1.412 ? ? 
covale9  covale one  ? B I6W 1  C02 ? ? ? 1_555 B LEU 2  N   ? ? B I6W 1  B LEU 2  1_555 ? ? ? ? ? ? ? 1.418 ? ? 
covale10 covale both ? B LEU 2  C   ? ? ? 1_555 B AIB 3  N   ? ? B LEU 2  B AIB 3  1_555 ? ? ? ? ? ? ? 1.329 ? ? 
covale11 covale both ? B AIB 3  C   ? ? ? 1_555 B ALA 4  N   ? ? B AIB 3  B ALA 4  1_555 ? ? ? ? ? ? ? 1.334 ? ? 
covale12 covale both ? B ALA 4  C   ? ? ? 1_555 B AIB 5  N   ? ? B ALA 4  B AIB 5  1_555 ? ? ? ? ? ? ? 1.331 ? ? 
covale13 covale both ? B AIB 5  C   ? ? ? 1_555 B LEU 6  N   ? ? B AIB 5  B LEU 6  1_555 ? ? ? ? ? ? ? 1.336 ? ? 
covale14 covale both ? B GLN 8  C   A ? ? 1_555 B AIB 9  N   ? ? B GLN 8  B AIB 9  1_555 ? ? ? ? ? ? ? 1.332 ? ? 
covale15 covale both ? B GLN 8  C   B ? ? 1_555 B AIB 9  N   ? ? B GLN 8  B AIB 9  1_555 ? ? ? ? ? ? ? 1.328 ? ? 
covale16 covale both ? B AIB 9  C   ? ? ? 1_555 B LEU 10 N   ? ? B AIB 9  B LEU 10 1_555 ? ? ? ? ? ? ? 1.339 ? ? 
covale17 covale one  ? B LEU 10 C   ? ? ? 1_555 B I77 11 N15 ? ? B LEU 10 B I77 11 1_555 ? ? ? ? ? ? ? 1.413 ? ? 
# 
_struct_conn_type.id          covale 
_struct_conn_type.criteria    ? 
_struct_conn_type.reference   ? 
# 
_pdbx_entry_details.entry_id                   8GKX 
_pdbx_entry_details.has_ligand_of_interest     N 
_pdbx_entry_details.compound_details           ? 
_pdbx_entry_details.source_details             ? 
_pdbx_entry_details.nonpolymer_details         ? 
_pdbx_entry_details.sequence_details           ? 
_pdbx_entry_details.has_protein_modification   ? 
# 
_pdbx_validate_close_contact.id               1 
_pdbx_validate_close_contact.PDB_model_num    1 
_pdbx_validate_close_contact.auth_atom_id_1   C 
_pdbx_validate_close_contact.auth_asym_id_1   B 
_pdbx_validate_close_contact.auth_comp_id_1   LEU 
_pdbx_validate_close_contact.auth_seq_id_1    10 
_pdbx_validate_close_contact.PDB_ins_code_1   ? 
_pdbx_validate_close_contact.label_alt_id_1   ? 
_pdbx_validate_close_contact.auth_atom_id_2   H1 
_pdbx_validate_close_contact.auth_asym_id_2   B 
_pdbx_validate_close_contact.auth_comp_id_2   I77 
_pdbx_validate_close_contact.auth_seq_id_2    11 
_pdbx_validate_close_contact.PDB_ins_code_2   ? 
_pdbx_validate_close_contact.label_alt_id_2   ? 
_pdbx_validate_close_contact.dist             1.49 
# 
loop_
_space_group_symop.id 
_space_group_symop.operation_xyz 
1 x,y,z       
2 -x,y+1/2,-z 
# 
loop_
_chem_comp_atom.comp_id 
_chem_comp_atom.atom_id 
_chem_comp_atom.type_symbol 
_chem_comp_atom.pdbx_aromatic_flag 
_chem_comp_atom.pdbx_stereo_config 
_chem_comp_atom.pdbx_ordinal 
AIB N    N N N 1   
AIB CA   C N N 2   
AIB C    C N N 3   
AIB O    O N N 4   
AIB OXT  O N N 5   
AIB CB1  C N N 6   
AIB CB2  C N N 7   
AIB H    H N N 8   
AIB H2   H N N 9   
AIB HXT  H N N 10  
AIB HB11 H N N 11  
AIB HB12 H N N 12  
AIB HB13 H N N 13  
AIB HB21 H N N 14  
AIB HB22 H N N 15  
AIB HB23 H N N 16  
ALA N    N N N 17  
ALA CA   C N S 18  
ALA C    C N N 19  
ALA O    O N N 20  
ALA CB   C N N 21  
ALA OXT  O N N 22  
ALA H    H N N 23  
ALA H2   H N N 24  
ALA HA   H N N 25  
ALA HB1  H N N 26  
ALA HB2  H N N 27  
ALA HB3  H N N 28  
ALA HXT  H N N 29  
GLN N    N N N 30  
GLN CA   C N S 31  
GLN C    C N N 32  
GLN O    O N N 33  
GLN CB   C N N 34  
GLN CG   C N N 35  
GLN CD   C N N 36  
GLN OE1  O N N 37  
GLN NE2  N N N 38  
GLN OXT  O N N 39  
GLN H    H N N 40  
GLN H2   H N N 41  
GLN HA   H N N 42  
GLN HB2  H N N 43  
GLN HB3  H N N 44  
GLN HG2  H N N 45  
GLN HG3  H N N 46  
GLN HE21 H N N 47  
GLN HE22 H N N 48  
GLN HXT  H N N 49  
HIS N    N N N 50  
HIS CA   C N S 51  
HIS C    C N N 52  
HIS O    O N N 53  
HIS CB   C N N 54  
HIS CG   C Y N 55  
HIS ND1  N Y N 56  
HIS CD2  C Y N 57  
HIS CE1  C Y N 58  
HIS NE2  N Y N 59  
HIS OXT  O N N 60  
HIS H    H N N 61  
HIS H2   H N N 62  
HIS HA   H N N 63  
HIS HB2  H N N 64  
HIS HB3  H N N 65  
HIS HD1  H N N 66  
HIS HD2  H N N 67  
HIS HE1  H N N 68  
HIS HE2  H N N 69  
HIS HXT  H N N 70  
HOH O    O N N 71  
HOH H1   H N N 72  
HOH H2   H N N 73  
I6W C05  C Y N 74  
I6W C08  C Y N 75  
I6W C09  C Y N 76  
I6W N10  N Y N 77  
I6W C02  C N N 78  
I6W C03  C Y N 79  
I6W C04  C Y N 80  
I6W C06  C Y N 81  
I6W C11  C Y N 82  
I6W C12  C Y N 83  
I6W C13  C N N 84  
I6W C15  C N N 85  
I6W C16  C N N 86  
I6W C18  C Y N 87  
I6W C19  C Y N 88  
I6W N07  N Y N 89  
I6W O01  O N N 90  
I6W O14  O N N 91  
I6W O17  O N N 92  
I6W H051 H N N 93  
I6W H1   H N N 94  
I6W H041 H N N 95  
I6W H061 H N N 96  
I6W H111 H N N 97  
I6W H152 H N N 98  
I6W H151 H N N 99  
I6W H162 H N N 100 
I6W H163 H N N 101 
I6W H161 H N N 102 
I6W H181 H N N 103 
I6W H191 H N N 104 
I77 C11  C Y N 105 
I77 C12  C Y N 106 
I77 C13  C N N 107 
I77 C17  C Y N 108 
I77 C18  C Y N 109 
I77 C02  C N N 110 
I77 C03  C Y N 111 
I77 C04  C Y N 112 
I77 C05  C Y N 113 
I77 C06  C Y N 114 
I77 C08  C Y N 115 
I77 C09  C Y N 116 
I77 N01  N N N 117 
I77 N07  N Y N 118 
I77 N10  N Y N 119 
I77 N14  N N N 120 
I77 N15  N N N 121 
I77 O16  O N N 122 
I77 O19  O N N 123 
I77 H111 H N N 124 
I77 H171 H N N 125 
I77 H181 H N N 126 
I77 H041 H N N 127 
I77 H051 H N N 128 
I77 H061 H N N 129 
I77 H011 H N N 130 
I77 H012 H N N 131 
I77 H141 H N N 132 
I77 H1   H N N 133 
I77 H2   H N N 134 
LEU N    N N N 135 
LEU CA   C N S 136 
LEU C    C N N 137 
LEU O    O N N 138 
LEU CB   C N N 139 
LEU CG   C N N 140 
LEU CD1  C N N 141 
LEU CD2  C N N 142 
LEU OXT  O N N 143 
LEU H    H N N 144 
LEU H2   H N N 145 
LEU HA   H N N 146 
LEU HB2  H N N 147 
LEU HB3  H N N 148 
LEU HG   H N N 149 
LEU HD11 H N N 150 
LEU HD12 H N N 151 
LEU HD13 H N N 152 
LEU HD21 H N N 153 
LEU HD22 H N N 154 
LEU HD23 H N N 155 
LEU HXT  H N N 156 
# 
loop_
_chem_comp_bond.comp_id 
_chem_comp_bond.atom_id_1 
_chem_comp_bond.atom_id_2 
_chem_comp_bond.value_order 
_chem_comp_bond.pdbx_aromatic_flag 
_chem_comp_bond.pdbx_stereo_config 
_chem_comp_bond.pdbx_ordinal 
AIB N   CA   sing N N 1   
AIB N   H    sing N N 2   
AIB N   H2   sing N N 3   
AIB CA  C    sing N N 4   
AIB CA  CB1  sing N N 5   
AIB CA  CB2  sing N N 6   
AIB C   O    doub N N 7   
AIB C   OXT  sing N N 8   
AIB OXT HXT  sing N N 9   
AIB CB1 HB11 sing N N 10  
AIB CB1 HB12 sing N N 11  
AIB CB1 HB13 sing N N 12  
AIB CB2 HB21 sing N N 13  
AIB CB2 HB22 sing N N 14  
AIB CB2 HB23 sing N N 15  
ALA N   CA   sing N N 16  
ALA N   H    sing N N 17  
ALA N   H2   sing N N 18  
ALA CA  C    sing N N 19  
ALA CA  CB   sing N N 20  
ALA CA  HA   sing N N 21  
ALA C   O    doub N N 22  
ALA C   OXT  sing N N 23  
ALA CB  HB1  sing N N 24  
ALA CB  HB2  sing N N 25  
ALA CB  HB3  sing N N 26  
ALA OXT HXT  sing N N 27  
GLN N   CA   sing N N 28  
GLN N   H    sing N N 29  
GLN N   H2   sing N N 30  
GLN CA  C    sing N N 31  
GLN CA  CB   sing N N 32  
GLN CA  HA   sing N N 33  
GLN C   O    doub N N 34  
GLN C   OXT  sing N N 35  
GLN CB  CG   sing N N 36  
GLN CB  HB2  sing N N 37  
GLN CB  HB3  sing N N 38  
GLN CG  CD   sing N N 39  
GLN CG  HG2  sing N N 40  
GLN CG  HG3  sing N N 41  
GLN CD  OE1  doub N N 42  
GLN CD  NE2  sing N N 43  
GLN NE2 HE21 sing N N 44  
GLN NE2 HE22 sing N N 45  
GLN OXT HXT  sing N N 46  
HIS N   CA   sing N N 47  
HIS N   H    sing N N 48  
HIS N   H2   sing N N 49  
HIS CA  C    sing N N 50  
HIS CA  CB   sing N N 51  
HIS CA  HA   sing N N 52  
HIS C   O    doub N N 53  
HIS C   OXT  sing N N 54  
HIS CB  CG   sing N N 55  
HIS CB  HB2  sing N N 56  
HIS CB  HB3  sing N N 57  
HIS CG  ND1  sing Y N 58  
HIS CG  CD2  doub Y N 59  
HIS ND1 CE1  doub Y N 60  
HIS ND1 HD1  sing N N 61  
HIS CD2 NE2  sing Y N 62  
HIS CD2 HD2  sing N N 63  
HIS CE1 NE2  sing Y N 64  
HIS CE1 HE1  sing N N 65  
HIS NE2 HE2  sing N N 66  
HIS OXT HXT  sing N N 67  
HOH O   H1   sing N N 68  
HOH O   H2   sing N N 69  
I6W O01 C02  doub N N 70  
I6W C02 C03  sing N N 71  
I6W C03 C06  doub Y N 72  
I6W C03 C04  sing Y N 73  
I6W C06 N07  sing Y N 74  
I6W C04 C05  doub Y N 75  
I6W N07 C08  doub Y N 76  
I6W C05 C08  sing Y N 77  
I6W C08 C09  sing N N 78  
I6W C09 C19  doub Y N 79  
I6W C09 N10  sing Y N 80  
I6W C19 C18  sing Y N 81  
I6W N10 C11  doub Y N 82  
I6W C18 C12  doub Y N 83  
I6W C11 C12  sing Y N 84  
I6W C12 C13  sing N N 85  
I6W C13 O17  doub N N 86  
I6W C13 O14  sing N N 87  
I6W O14 C15  sing N N 88  
I6W C15 C16  sing N N 89  
I6W C05 H051 sing N N 90  
I6W C02 H1   sing N N 91  
I6W C04 H041 sing N N 92  
I6W C06 H061 sing N N 93  
I6W C11 H111 sing N N 94  
I6W C15 H152 sing N N 95  
I6W C15 H151 sing N N 96  
I6W C16 H162 sing N N 97  
I6W C16 H163 sing N N 98  
I6W C16 H161 sing N N 99  
I6W C18 H181 sing N N 100 
I6W C19 H191 sing N N 101 
I77 N15 N14  sing N N 102 
I77 O16 C13  doub N N 103 
I77 N14 C13  sing N N 104 
I77 C13 C12  sing N N 105 
I77 C12 C17  doub Y N 106 
I77 C12 C11  sing Y N 107 
I77 C17 C18  sing Y N 108 
I77 C11 N10  doub Y N 109 
I77 C18 C09  doub Y N 110 
I77 N10 C09  sing Y N 111 
I77 C09 C08  sing N N 112 
I77 C08 N07  doub Y N 113 
I77 C08 C05  sing Y N 114 
I77 N07 C06  sing Y N 115 
I77 C05 C04  doub Y N 116 
I77 C06 C03  doub Y N 117 
I77 C04 C03  sing Y N 118 
I77 C03 C02  sing N N 119 
I77 C02 N01  sing N N 120 
I77 C02 O19  doub N N 121 
I77 C11 H111 sing N N 122 
I77 C17 H171 sing N N 123 
I77 C18 H181 sing N N 124 
I77 C04 H041 sing N N 125 
I77 C05 H051 sing N N 126 
I77 C06 H061 sing N N 127 
I77 N01 H011 sing N N 128 
I77 N01 H012 sing N N 129 
I77 N14 H141 sing N N 130 
I77 N15 H1   sing N N 131 
I77 N15 H2   sing N N 132 
LEU N   CA   sing N N 133 
LEU N   H    sing N N 134 
LEU N   H2   sing N N 135 
LEU CA  C    sing N N 136 
LEU CA  CB   sing N N 137 
LEU CA  HA   sing N N 138 
LEU C   O    doub N N 139 
LEU C   OXT  sing N N 140 
LEU CB  CG   sing N N 141 
LEU CB  HB2  sing N N 142 
LEU CB  HB3  sing N N 143 
LEU CG  CD1  sing N N 144 
LEU CG  CD2  sing N N 145 
LEU CG  HG   sing N N 146 
LEU CD1 HD11 sing N N 147 
LEU CD1 HD12 sing N N 148 
LEU CD1 HD13 sing N N 149 
LEU CD2 HD21 sing N N 150 
LEU CD2 HD22 sing N N 151 
LEU CD2 HD23 sing N N 152 
LEU OXT HXT  sing N N 153 
# 
_pdbx_audit_support.funding_organization   'Other private' 
_pdbx_audit_support.country                ? 
_pdbx_audit_support.grant_number           ? 
_pdbx_audit_support.ordinal                1 
# 
_pdbx_initial_refinement_model.id               1 
_pdbx_initial_refinement_model.entity_id_list   ? 
_pdbx_initial_refinement_model.type             other 
_pdbx_initial_refinement_model.source_name      Other 
_pdbx_initial_refinement_model.accession_code   ? 
_pdbx_initial_refinement_model.details          model 
# 
_space_group.name_H-M_alt     'P 1 21 1' 
_space_group.name_Hall        'P 2yb' 
_space_group.IT_number        4 
_space_group.crystal_system   monoclinic 
_space_group.id               1 
# 
_atom_sites.entry_id                    8GKX 
_atom_sites.Cartn_transf_matrix[1][1]   ? 
_atom_sites.Cartn_transf_matrix[1][2]   ? 
_atom_sites.Cartn_transf_matrix[1][3]   ? 
_atom_sites.Cartn_transf_matrix[2][1]   ? 
_atom_sites.Cartn_transf_matrix[2][2]   ? 
_atom_sites.Cartn_transf_matrix[2][3]   ? 
_atom_sites.Cartn_transf_matrix[3][1]   ? 
_atom_sites.Cartn_transf_matrix[3][2]   ? 
_atom_sites.Cartn_transf_matrix[3][3]   ? 
_atom_sites.Cartn_transf_vector[1]      ? 
_atom_sites.Cartn_transf_vector[2]      ? 
_atom_sites.Cartn_transf_vector[3]      ? 
_atom_sites.fract_transf_matrix[1][1]   0.02407760 
_atom_sites.fract_transf_matrix[1][2]   0.08824761 
_atom_sites.fract_transf_matrix[1][3]   0.03696045 
_atom_sites.fract_transf_matrix[2][1]   -0.01707906 
_atom_sites.fract_transf_matrix[2][2]   0.00821928 
_atom_sites.fract_transf_matrix[2][3]   -0.00849853 
_atom_sites.fract_transf_matrix[3][1]   -0.02772450 
_atom_sites.fract_transf_matrix[3][2]   -0.00830817 
_atom_sites.fract_transf_matrix[3][3]   0.04768135 
_atom_sites.fract_transf_vector[1]      0.121958 
_atom_sites.fract_transf_vector[2]      0.094238 
_atom_sites.fract_transf_vector[3]      0.414374 
_atom_sites.solution_primary            ? 
_atom_sites.solution_secondary          ? 
_atom_sites.solution_hydrogens          ? 
_atom_sites.special_details             ? 
# 
loop_
_atom_type.symbol 
_atom_type.scat_dispersion_real 
_atom_type.scat_dispersion_imag 
_atom_type.scat_Cromer_Mann_a1 
_atom_type.scat_Cromer_Mann_a2 
_atom_type.scat_Cromer_Mann_a3 
_atom_type.scat_Cromer_Mann_a4 
_atom_type.scat_Cromer_Mann_b1 
_atom_type.scat_Cromer_Mann_b2 
_atom_type.scat_Cromer_Mann_b3 
_atom_type.scat_Cromer_Mann_b4 
_atom_type.scat_Cromer_Mann_c 
_atom_type.scat_source 
_atom_type.scat_dispersion_source 
C ? ? 3.54356 2.42580 ?       ? 25.62398 1.50364  ?       ? 0.0 
;2-Gaussian fit: Grosse-Kunstleve RW, Sauter NK, Adams PD: Newsletter of the IUCr Commission on Crystallographic Computing 2004, 3, 22-31.
;
? 
H ? ? 0.53795 0.34799 0.11320 ? 10.08003 29.74760 2.57510 ? 0.0 
;3-Gaussian fit: Grosse-Kunstleve RW, Sauter NK, Adams PD: Newsletter of the IUCr Commission on Crystallographic Computing 2004, 3, 22-31.
;
? 
N ? ? 4.01032 2.96436 ?       ? 19.97189 1.75589  ?       ? 0.0 
;2-Gaussian fit: Grosse-Kunstleve RW, Sauter NK, Adams PD: Newsletter of the IUCr Commission on Crystallographic Computing 2004, 3, 22-31.
;
? 
O ? ? 4.49882 3.47563 ?       ? 15.80542 1.70748  ?       ? 0.0 
;2-Gaussian fit: Grosse-Kunstleve RW, Sauter NK, Adams PD: Newsletter of the IUCr Commission on Crystallographic Computing 2004, 3, 22-31.
;
? 
S ? ? 9.55732 6.39887 ?       ? 1.23737  29.19336 ?       ? 0.0 
;2-Gaussian fit: Grosse-Kunstleve RW, Sauter NK, Adams PD: Newsletter of the IUCr Commission on Crystallographic Computing 2004, 3, 22-31.
;
? 
# 
loop_
_atom_site.group_PDB 
_atom_site.id 
_atom_site.type_symbol 
_atom_site.label_atom_id 
_atom_site.label_alt_id 
_atom_site.label_comp_id 
_atom_site.label_asym_id 
_atom_site.label_entity_id 
_atom_site.label_seq_id 
_atom_site.pdbx_PDB_ins_code 
_atom_site.Cartn_x 
_atom_site.Cartn_y 
_atom_site.Cartn_z 
_atom_site.occupancy 
_atom_site.B_iso_or_equiv 
_atom_site.pdbx_formal_charge 
_atom_site.auth_seq_id 
_atom_site.auth_comp_id 
_atom_site.auth_asym_id 
_atom_site.auth_atom_id 
_atom_site.pdbx_PDB_model_num 
HETATM 1   C C05  . I6W A 1 1  ? 10.78956  0.98241   -0.24477  1.000 3.01942  ? 1   I6W A C05  1 
HETATM 2   C C08  . I6W A 1 1  ? 11.41583  0.35689   0.81019   1.000 2.97850  ? 1   I6W A C08  1 
HETATM 3   C C09  . I6W A 1 1  ? 12.86082  -0.04770  0.75324   1.000 3.23182  ? 1   I6W A C09  1 
HETATM 4   N N10  . I6W A 1 1  ? 13.51218  -0.45634  1.84703   1.000 3.90991  ? 1   I6W A N10  1 
HETATM 5   C C02  . I6W A 1 1  ? 7.43046   1.53660   1.44112   1.000 3.11641  ? 1   I6W A C02  1 
HETATM 6   C C03  . I6W A 1 1  ? 8.85744   1.14703   1.10724   1.000 2.90072  ? 1   I6W A C03  1 
HETATM 7   C C04  . I6W A 1 1  ? 9.45371   1.37854   -0.11907  1.000 2.95069  ? 1   I6W A C04  1 
HETATM 8   C C06  . I6W A 1 1  ? 9.56609   0.55208   2.11709   1.000 3.56470  ? 1   I6W A C06  1 
HETATM 9   C C11  . I6W A 1 1  ? 14.81083  -0.73784  1.81084   1.000 3.54395  ? 1   I6W A C11  1 
HETATM 10  C C12  . I6W A 1 1  ? 15.48245  -0.60422  0.60855   1.000 3.81901  ? 1   I6W A C12  1 
HETATM 11  C C13  . I6W A 1 1  ? 16.97731  -0.85981  0.48820   1.000 4.51437  ? 1   I6W A C13  1 
HETATM 12  C C15  . I6W A 1 1  ? 19.03245  -0.90243  1.60111   1.000 5.35948  ? 1   I6W A C15  1 
HETATM 13  C C16  . I6W A 1 1  ? 19.63347  -0.95111  3.01111   1.000 6.26929  ? 1   I6W A C16  1 
HETATM 14  C C18  . I6W A 1 1  ? 14.82531  -0.18583  -0.50539  1.000 4.40435  ? 1   I6W A C18  1 
HETATM 15  C C19  . I6W A 1 1  ? 13.48315  0.10389   -0.44146  1.000 3.65360  ? 1   I6W A C19  1 
HETATM 16  N N07  . I6W A 1 1  ? 10.81874  0.18190   1.97908   1.000 3.35635  ? 1   I6W A N07  1 
HETATM 17  O O01  . I6W A 1 1  ? 6.98447   1.34649   2.54624   1.000 3.48602  ? 1   I6W A O01  1 
HETATM 18  O O14  . I6W A 1 1  ? 17.61378  -0.83293  1.72283   1.000 4.31848  ? 1   I6W A O14  1 
HETATM 19  O O17  . I6W A 1 1  ? 17.55581  -0.95501  -0.53611  1.000 5.91786  ? 1   I6W A O17  1 
HETATM 20  H H051 . I6W A 1 1  ? 11.32080  1.16389   -1.15334  1.000 3.62330  ? 1   I6W A H051 1 
HETATM 21  H H041 . I6W A 1 1  ? 8.89692   1.85706   -0.96489  1.000 3.54082  ? 1   I6W A H041 1 
HETATM 22  H H061 . I6W A 1 1  ? 9.07255   0.37985   3.06900   1.000 4.27764  ? 1   I6W A H061 1 
HETATM 23  H H111 . I6W A 1 1  ? 15.32305  -1.05906  2.68759   1.000 4.25275  ? 1   I6W A H111 1 
HETATM 24  H H152 . I6W A 1 1  ? 19.30927  -1.79561  1.05476   1.000 6.43137  ? 1   I6W A H152 1 
HETATM 25  H H151 . I6W A 1 1  ? 19.39790  -0.02740  1.07801   1.000 6.43137  ? 1   I6W A H151 1 
HETATM 26  H H162 . I6W A 1 1  ? 20.72320  -1.12661  2.94091   1.000 7.52315  ? 1   I6W A H162 1 
HETATM 27  H H163 . I6W A 1 1  ? 19.44668  0.01068   3.52428   1.000 7.52315  ? 1   I6W A H163 1 
HETATM 28  H H161 . I6W A 1 1  ? 19.16332  -1.77242  3.58352   1.000 7.52315  ? 1   I6W A H161 1 
HETATM 29  H H181 . I6W A 1 1  ? 15.36103  -0.07986  -1.44872  1.000 5.28523  ? 1   I6W A H181 1 
HETATM 30  H H191 . I6W A 1 1  ? 12.93873  0.44344   -1.32013  1.000 4.38432  ? 1   I6W A H191 1 
ATOM   31  N N    . LEU A 1 2  ? 6.64541   2.19127   0.45874   1.000 3.58649  ? 2   LEU A N    1 
ATOM   32  C CA   . LEU A 1 2  ? 5.37431   2.70426   0.92644   1.000 3.27437  ? 2   LEU A CA   1 
ATOM   33  C C    . LEU A 1 2  ? 4.42542   1.60951   1.43996   1.000 3.27904  ? 2   LEU A C    1 
ATOM   34  O O    . LEU A 1 2  ? 3.62996   1.89212   2.34199   1.000 3.38175  ? 2   LEU A O    1 
ATOM   35  C CB   . LEU A 1 2  ? 4.70930   3.53253   -0.17273  1.000 3.47435  ? 2   LEU A CB   1 
ATOM   36  C CG   . LEU A 1 2  ? 5.36165   4.89950   -0.44336  1.000 4.04504  ? 2   LEU A CG   1 
ATOM   37  C CD1  . LEU A 1 2  ? 4.60964   5.62785   -1.54634  1.000 4.55565  ? 2   LEU A CD1  1 
ATOM   38  C CD2  . LEU A 1 2  ? 5.46500   5.76492   0.80815   1.000 5.32615  ? 2   LEU A CD2  1 
ATOM   39  H HA   . LEU A 1 2  ? 5.54468   3.27863   1.68932   1.000 3.92925  ? 2   LEU A HA   1 
ATOM   40  H HB2  . LEU A 1 2  ? 4.74096   3.02592   -0.99932  1.000 4.16922  ? 2   LEU A HB2  1 
ATOM   41  H HB3  . LEU A 1 2  ? 3.78746   3.69497   0.08171   1.000 4.16922  ? 2   LEU A HB3  1 
ATOM   42  H HG   . LEU A 1 2  ? 6.27324   4.74073   -0.73439  1.000 4.85405  ? 2   LEU A HG   1 
ATOM   43  H HD11 . LEU A 1 2  ? 5.04136   6.48030   -1.71319  1.000 5.46678  ? 2   LEU A HD11 1 
ATOM   44  H HD12 . LEU A 1 2  ? 4.62578   5.08587   -2.35065  1.000 5.46678  ? 2   LEU A HD12 1 
ATOM   45  H HD13 . LEU A 1 2  ? 3.69328   5.77113   -1.26237  1.000 5.46678  ? 2   LEU A HD13 1 
ATOM   46  H HD21 . LEU A 1 2  ? 5.86026   6.61821   0.57029   1.000 6.39138  ? 2   LEU A HD21 1 
ATOM   47  H HD22 . LEU A 1 2  ? 4.57617   5.90195   1.17163   1.000 6.39138  ? 2   LEU A HD22 1 
ATOM   48  H HD23 . LEU A 1 2  ? 6.02276   5.31222   1.45997   1.000 6.39138  ? 2   LEU A HD23 1 
HETATM 49  N N    . AIB A 1 3  ? 4.52803   0.38640   0.91091   1.000 3.24406  ? 3   AIB A N    1 
HETATM 50  C CA   . AIB A 1 3  ? 3.71630   -0.73975  1.36995   1.000 3.52546  ? 3   AIB A CA   1 
HETATM 51  C C    . AIB A 1 3  ? 3.81143   -0.92142  2.89915   1.000 3.21351  ? 3   AIB A C    1 
HETATM 52  O O    . AIB A 1 3  ? 2.90247   -1.42508  3.55574   1.000 3.23204  ? 3   AIB A O    1 
HETATM 53  C CB1  . AIB A 1 3  ? 2.23651   -0.56760  0.98947   1.000 4.50083  ? 3   AIB A CB1  1 
HETATM 54  C CB2  . AIB A 1 3  ? 4.26642   -2.04955  0.76880   1.000 4.02055  ? 3   AIB A CB2  1 
HETATM 55  H H    . AIB A 1 3  ? 5.34523   0.04561   0.44396   1.000 3.89287  ? 3   AIB A H    1 
HETATM 56  H HB11 . AIB A 1 3  ? 1.65605   -1.46093  1.32183   1.000 5.40100  ? 3   AIB A HB11 1 
HETATM 57  H HB12 . AIB A 1 3  ? 1.82418   0.34370   1.48444   1.000 5.40100  ? 3   AIB A HB12 1 
HETATM 58  H HB13 . AIB A 1 3  ? 2.14261   -0.45912  -0.11727  1.000 5.40100  ? 3   AIB A HB13 1 
HETATM 59  H HB21 . AIB A 1 3  ? 5.32272   -2.18935  1.10406   1.000 4.82466  ? 3   AIB A HB21 1 
HETATM 60  H HB22 . AIB A 1 3  ? 3.63971   -2.90425  1.12151   1.000 4.82466  ? 3   AIB A HB22 1 
HETATM 61  H HB23 . AIB A 1 3  ? 4.22711   -1.98420  -0.34559  1.000 4.82466  ? 3   AIB A HB23 1 
ATOM   62  N N    . ALA A 1 4  ? 4.94838   -0.52643  3.46526   1.000 3.09766  ? 4   ALA A N    1 
ATOM   63  C CA   . ALA A 1 4  ? 5.17392   -0.68446  4.89557   1.000 3.51488  ? 4   ALA A CA   1 
ATOM   64  C C    . ALA A 1 4  ? 4.12953   0.06364   5.73586   1.000 3.20130  ? 4   ALA A C    1 
ATOM   65  O O    . ALA A 1 4  ? 3.89750   -0.31000  6.88937   1.000 3.56580  ? 4   ALA A O    1 
ATOM   66  C CB   . ALA A 1 4  ? 6.57853   -0.24950  5.27049   1.000 4.22727  ? 4   ALA A CB   1 
ATOM   67  H H    . ALA A 1 4  ? 5.60337   -0.16440  3.04157   1.000 3.71719  ? 4   ALA A H    1 
ATOM   68  H HA   . ALA A 1 4  ? 5.08608   -1.62681  5.10807   1.000 4.21786  ? 4   ALA A HA   1 
ATOM   69  H HB1  . ALA A 1 4  ? 7.21791   -0.80814  4.80142   1.000 5.07272  ? 4   ALA A HB1  1 
ATOM   70  H HB2  . ALA A 1 4  ? 6.70042   0.67842   5.01551   1.000 5.07272  ? 4   ALA A HB2  1 
ATOM   71  H HB3  . ALA A 1 4  ? 6.69423   -0.34720  6.22859   1.000 5.07272  ? 4   ALA A HB3  1 
HETATM 72  N N    . AIB A 1 5  ? 3.52358   1.11567   5.18580   1.000 3.28517  ? 5   AIB A N    1 
HETATM 73  C CA   . AIB A 1 5  ? 2.40154   1.79514   5.81611   1.000 3.52460  ? 5   AIB A CA   1 
HETATM 74  C C    . AIB A 1 5  ? 1.33118   0.77509   6.25546   1.000 3.21428  ? 5   AIB A C    1 
HETATM 75  O O    . AIB A 1 5  ? 0.84093   0.74757   7.39296   1.000 3.45197  ? 5   AIB A O    1 
HETATM 76  C CB1  . AIB A 1 5  ? 2.84657   2.62322   7.02736   1.000 4.05286  ? 5   AIB A CB1  1 
HETATM 77  C CB2  . AIB A 1 5  ? 1.73414   2.72794   4.78585   1.000 3.93376  ? 5   AIB A CB2  1 
HETATM 78  H H    . AIB A 1 5  ? 3.95874   1.72806   4.52427   1.000 3.94220  ? 5   AIB A H    1 
HETATM 79  H HB11 . AIB A 1 5  ? 3.55393   3.42124   6.69834   1.000 4.86343  ? 5   AIB A HB11 1 
HETATM 80  H HB12 . AIB A 1 5  ? 1.95689   3.09577   7.50761   1.000 4.86343  ? 5   AIB A HB12 1 
HETATM 81  H HB13 . AIB A 1 5  ? 3.35660   1.96248   7.76813   1.000 4.86343  ? 5   AIB A HB13 1 
HETATM 82  H HB21 . AIB A 1 5  ? 2.46370   3.51736   4.48214   1.000 4.72051  ? 5   AIB A HB21 1 
HETATM 83  H HB22 . AIB A 1 5  ? 1.43021   2.12821   3.89387   1.000 4.72051  ? 5   AIB A HB22 1 
HETATM 84  H HB23 . AIB A 1 5  ? 0.83481   3.20035   5.25031   1.000 4.72051  ? 5   AIB A HB23 1 
ATOM   85  N N    . LEU A 1 6  ? 0.97080   -0.08521  5.30634   1.000 3.29995  ? 6   LEU A N    1 
ATOM   86  C CA   . LEU A 1 6  ? -0.05922  -1.09152  5.53775   1.000 3.27357  ? 6   LEU A CA   1 
ATOM   87  C C    . LEU A 1 6  ? 0.44343   -2.20574  6.45256   1.000 3.18856  ? 6   LEU A C    1 
ATOM   88  O O    . LEU A 1 6  ? -0.28494  -2.66594  7.32625   1.000 3.43926  ? 6   LEU A O    1 
ATOM   89  C CB   . LEU A 1 6  ? -0.55484  -1.64154  4.20382   1.000 3.36989  ? 6   LEU A CB   1 
ATOM   90  C CG   . LEU A 1 6  ? -1.69906  -2.65389  4.31013   1.000 3.55629  ? 6   LEU A CG   1 
ATOM   91  C CD1  . LEU A 1 6  ? -2.92817  -2.09352  5.02026   1.000 3.85733  ? 6   LEU A CD1  1 
ATOM   92  C CD2  . LEU A 1 6  ? -2.08487  -3.15259  2.92570   1.000 4.21195  ? 6   LEU A CD2  1 
ATOM   93  H H    . LEU A 1 6  ? 1.30999   -0.10603  4.51633   1.000 3.95994  ? 6   LEU A H    1 
ATOM   94  H HA   . LEU A 1 6  ? -0.81646  -0.68633  5.98864   1.000 3.92829  ? 6   LEU A HA   1 
ATOM   95  H HB2  . LEU A 1 6  ? -0.87028  -0.89978  3.66420   1.000 4.04386  ? 6   LEU A HB2  1 
ATOM   96  H HB3  . LEU A 1 6  ? 0.18580   -2.08340  3.75986   1.000 4.04386  ? 6   LEU A HB3  1 
ATOM   97  H HG   . LEU A 1 6  ? -1.38040  -3.39452  4.84939   1.000 4.26754  ? 6   LEU A HG   1 
ATOM   98  H HD11 . LEU A 1 6  ? -2.69340  -1.88020  5.93693   1.000 4.62880  ? 6   LEU A HD11 1 
ATOM   99  H HD12 . LEU A 1 6  ? -3.22153  -1.29228  4.55891   1.000 4.62880  ? 6   LEU A HD12 1 
ATOM   100 H HD13 . LEU A 1 6  ? -3.63259  -2.76022  5.00580   1.000 4.62880  ? 6   LEU A HD13 1 
ATOM   101 H HD21 . LEU A 1 6  ? -2.40659  -2.40439  2.39883   1.000 5.05434  ? 6   LEU A HD21 1 
ATOM   102 H HD22 . LEU A 1 6  ? -1.30488  -3.54414  2.50237   1.000 5.05434  ? 6   LEU A HD22 1 
ATOM   103 H HD23 . LEU A 1 6  ? -2.78340  -3.81982  3.01370   1.000 5.05434  ? 6   LEU A HD23 1 
ATOM   104 N N    . HIS A 1 7  ? 1.70215   -2.62589  6.28009   1.000 3.36958  ? 7   HIS A N    1 
ATOM   105 C CA   . HIS A 1 7  ? 2.24909   -3.62946  7.19242   1.000 3.37756  ? 7   HIS A CA   1 
ATOM   106 C C    . HIS A 1 7  ? 2.23121   -3.15386  8.63836   1.000 3.53577  ? 7   HIS A C    1 
ATOM   107 O O    . HIS A 1 7  ? 2.04080   -3.95662  9.56077   1.000 4.06945  ? 7   HIS A O    1 
ATOM   108 C CB   . HIS A 1 7  ? 3.66920   -4.02944  6.79994   1.000 3.86894  ? 7   HIS A CB   1 
ATOM   109 C CG   . HIS A 1 7  ? 3.74222   -4.75811  5.50085   1.000 4.44407  ? 7   HIS A CG   1 
ATOM   110 N ND1  . HIS A 1 7  ? 3.15285   -5.98560  5.33042   1.000 5.15319  ? 7   HIS A ND1  1 
ATOM   111 C CD2  . HIS A 1 7  ? 4.36704   -4.47340  4.33214   1.000 5.12424  ? 7   HIS A CD2  1 
ATOM   112 C CE1  . HIS A 1 7  ? 3.38627   -6.41562  4.10173   1.000 5.73226  ? 7   HIS A CE1  1 
ATOM   113 N NE2  . HIS A 1 7  ? 4.11747   -5.51449  3.47081   1.000 5.49532  ? 7   HIS A NE2  1 
ATOM   114 H H    . HIS A 1 7  ? 2.23883   -2.35486  5.66519   1.000 4.04350  ? 7   HIS A H    1 
ATOM   115 H HA   . HIS A 1 7  ? 1.68679   -4.41627  7.11731   1.000 4.05307  ? 7   HIS A HA   1 
ATOM   116 H HB2  . HIS A 1 7  ? 4.21015   -3.22804  6.72232   1.000 4.64273  ? 7   HIS A HB2  1 
ATOM   117 H HB3  . HIS A 1 7  ? 4.03242   -4.60960  7.48725   1.000 4.64273  ? 7   HIS A HB3  1 
ATOM   118 H HD1  . HIS A 1 7  ? 2.70250   -6.40871  5.92856   1.000 6.18383  ? 7   HIS A HD1  1 
ATOM   119 H HD2  . HIS A 1 7  ? 4.87125   -3.71407  4.14747   1.000 6.14909  ? 7   HIS A HD2  1 
ATOM   120 H HE1  . HIS A 1 7  ? 3.08565   -7.21876  3.74185   1.000 6.87872  ? 7   HIS A HE1  1 
ATOM   121 N N    . GLN A 1 8  ? 2.45672   -1.86730  8.86174   1.000 3.14457  ? 8   GLN A N    1 
ATOM   122 C CA   . GLN A 1 8  ? 2.39766   -1.34319  10.21342  1.000 3.12518  ? 8   GLN A CA   1 
ATOM   123 C C    . GLN A 1 8  ? 0.95287   -1.36102  10.71163  1.000 2.87569  ? 8   GLN A C    1 
ATOM   124 O O    . GLN A 1 8  ? 0.66662   -1.90458  11.79302  1.000 3.20172  ? 8   GLN A O    1 
ATOM   125 C CB   . GLN A 1 8  ? 2.98806   0.05221   10.26095  1.000 3.33967  ? 8   GLN A CB   1 
ATOM   126 C CG   . GLN A 1 8  ? 3.15391   0.58099   11.65784  1.000 3.87482  ? 8   GLN A CG   1 
ATOM   127 C CD   . GLN A 1 8  ? 3.83614   1.92980   11.65154  1.000 3.97458  ? 8   GLN A CD   1 
ATOM   128 O OE1  . GLN A 1 8  ? 4.02866   2.53373   10.59250  1.000 4.76396  ? 8   GLN A OE1  1 
ATOM   129 N NE2  . GLN A 1 8  ? 4.20432   2.41190   12.82516  1.000 4.34391  ? 8   GLN A NE2  1 
ATOM   130 H H    . GLN A 1 8  ? 2.64313   -1.28713  8.25491   1.000 3.77349  ? 8   GLN A H    1 
ATOM   131 H HA   . GLN A 1 8  ? 2.92564   -1.89095  10.81516  1.000 3.75021  ? 8   GLN A HA   1 
ATOM   132 H HB2  . GLN A 1 8  ? 3.86294   0.03682   9.84235   1.000 4.00761  ? 8   GLN A HB2  1 
ATOM   133 H HB3  . GLN A 1 8  ? 2.40123   0.65736   9.78101   1.000 4.00761  ? 8   GLN A HB3  1 
ATOM   134 H HG2  . GLN A 1 8  ? 2.28182   0.68004   12.07081  1.000 4.64979  ? 8   GLN A HG2  1 
ATOM   135 H HG3  . GLN A 1 8  ? 3.69713   -0.03534  12.17356  1.000 4.64979  ? 8   GLN A HG3  1 
ATOM   136 H HE21 . GLN A 1 8  ? 4.05215   1.96166   13.54190  1.000 5.21269  ? 8   GLN A HE21 1 
ATOM   137 H HE22 . GLN A 1 8  ? 4.59617   3.17599   12.87240  1.000 5.21269  ? 8   GLN A HE22 1 
HETATM 138 N N    . AIB A 1 9  ? 0.03977   -0.79527  9.92635   1.000 2.94434  ? 9   AIB A N    1 
HETATM 139 C CA   . AIB A 1 9  ? -1.35865  -0.70723  10.29288  1.000 3.16400  ? 9   AIB A CA   1 
HETATM 140 C C    . AIB A 1 9  ? -1.93934  -2.08006  10.68425  1.000 3.20895  ? 9   AIB A C    1 
HETATM 141 O O    . AIB A 1 9  ? -2.70932  -2.20477  11.64014  1.000 3.95545  ? 9   AIB A O    1 
HETATM 142 C CB1  . AIB A 1 9  ? -1.54279  0.26140   11.46994  1.000 3.67202  ? 9   AIB A CB1  1 
HETATM 143 C CB2  . AIB A 1 9  ? -2.15469  -0.17886  9.08769   1.000 3.64027  ? 9   AIB A CB2  1 
HETATM 144 H H    . AIB A 1 9  ? 0.13429   -0.70559  8.93386   1.000 3.53321  ? 9   AIB A H    1 
HETATM 145 H HB11 . AIB A 1 9  ? -1.21316  1.28467   11.17043  1.000 4.40642  ? 9   AIB A HB11 1 
HETATM 146 H HB12 . AIB A 1 9  ? -2.61829  0.29365   11.76614  1.000 4.40642  ? 9   AIB A HB12 1 
HETATM 147 H HB13 . AIB A 1 9  ? -0.93235  -0.08181  12.33887  1.000 4.40642  ? 9   AIB A HB13 1 
HETATM 148 H HB21 . AIB A 1 9  ? -2.00114  -0.86518  8.21989   1.000 4.36832  ? 9   AIB A HB21 1 
HETATM 149 H HB22 . AIB A 1 9  ? -3.23862  -0.14091  9.35479   1.000 4.36832  ? 9   AIB A HB22 1 
HETATM 150 H HB23 . AIB A 1 9  ? -1.79070  0.84546   8.83086   1.000 4.36832  ? 9   AIB A HB23 1 
ATOM   151 N N    . LEU A 1 10 ? -1.54335  -3.11039  9.93046   1.000 2.91628  ? 10  LEU A N    1 
ATOM   152 C CA   . LEU A 1 10 ? -2.08479  -4.46736  10.08440  1.000 3.09694  ? 10  LEU A CA   1 
ATOM   153 C C    . LEU A 1 10 ? -1.31223  -5.30156  11.07238  1.000 3.33853  ? 10  LEU A C    1 
ATOM   154 O O    . LEU A 1 10 ? -1.51291  -6.49457  11.22298  1.000 3.93150  ? 10  LEU A O    1 
ATOM   155 C CB   . LEU A 1 10 ? -2.07066  -5.19824  8.74849   1.000 3.13439  ? 10  LEU A CB   1 
ATOM   156 C CG   . LEU A 1 10 ? -3.02560  -4.65961  7.68887   1.000 3.66931  ? 10  LEU A CG   1 
ATOM   157 C CD1  . LEU A 1 10 ? -2.85553  -5.47904  6.42281   1.000 3.97643  ? 10  LEU A CD1  1 
ATOM   158 C CD2  . LEU A 1 10 ? -4.46859  -4.66844  8.15509   1.000 4.35997  ? 10  LEU A CD2  1 
ATOM   159 H H    . LEU A 1 10 ? -0.95064  -3.04975  9.31029   1.000 3.49953  ? 10  LEU A H    1 
ATOM   160 H HA   . LEU A 1 10 ? -2.99330  -4.37355  10.41108  1.000 3.71633  ? 10  LEU A HA   1 
ATOM   161 H HB2  . LEU A 1 10 ? -1.17392  -5.14433  8.38261   1.000 3.76127  ? 10  LEU A HB2  1 
ATOM   162 H HB3  . LEU A 1 10 ? -2.30908  -6.12500  8.90713   1.000 3.76127  ? 10  LEU A HB3  1 
ATOM   163 H HG   . LEU A 1 10 ? -2.81272  -3.73061  7.50849   1.000 4.40317  ? 10  LEU A HG   1 
ATOM   164 H HD11 . LEU A 1 10 ? -3.53280  -5.21328  5.78126   1.000 4.77172  ? 10  LEU A HD11 1 
ATOM   165 H HD12 . LEU A 1 10 ? -1.97183  -5.31614  6.05752   1.000 4.77172  ? 10  LEU A HD12 1 
ATOM   166 H HD13 . LEU A 1 10 ? -2.95580  -6.41924  6.63930   1.000 4.77172  ? 10  LEU A HD13 1 
ATOM   167 H HD21 . LEU A 1 10 ? -4.59524  -3.95845  8.80376   1.000 5.23196  ? 10  LEU A HD21 1 
ATOM   168 H HD22 . LEU A 1 10 ? -5.04833  -4.52538  7.39067   1.000 5.23196  ? 10  LEU A HD22 1 
ATOM   169 H HD23 . LEU A 1 10 ? -4.66372  -5.52703  8.56211   1.000 5.23196  ? 10  LEU A HD23 1 
HETATM 170 C C11  . I77 A 1 11 ? 0.25162   -6.62899  16.23228  1.000 4.64525  ? 11  I77 A C11  1 
HETATM 171 C C12  . I77 A 1 11 ? 0.73263   -6.36291  14.97461  1.000 3.60099  ? 11  I77 A C12  1 
HETATM 172 C C13  . I77 A 1 11 ? -0.20556  -5.71253  13.98721  1.000 3.64582  ? 11  I77 A C13  1 
HETATM 173 C C17  . I77 A 1 11 ? 2.05182   -6.68207  14.66504  1.000 3.72872  ? 11  I77 A C17  1 
HETATM 174 C C18  . I77 A 1 11 ? 2.84296   -7.26717  15.61899  1.000 3.40105  ? 11  I77 A C18  1 
HETATM 175 C C02  . I77 A 1 11 ? 5.32759   -10.41887 20.72278  1.000 4.61101  ? 11  I77 A C02  1 
HETATM 176 C C03  . I77 A 1 11 ? 4.52051   -9.60816  19.72358  1.000 4.46620  ? 11  I77 A C03  1 
HETATM 177 C C04  . I77 A 1 11 ? 3.27891   -9.09544  20.06473  1.000 4.90590  ? 11  I77 A C04  1 
HETATM 178 C C05  . I77 A 1 11 ? 2.58864   -8.38963  19.11030  1.000 4.50870  ? 11  I77 A C05  1 
HETATM 179 C C06  . I77 A 1 11 ? 5.03817   -9.40763  18.46320  1.000 4.20774  ? 11  I77 A C06  1 
HETATM 180 C C08  . I77 A 1 11 ? 3.15131   -8.21520  17.87517  1.000 3.90367  ? 11  I77 A C08  1 
HETATM 181 C C09  . I77 A 1 11 ? 2.31165   -7.50131  16.85912  1.000 3.77593  ? 11  I77 A C09  1 
HETATM 182 N N01  . I77 A 1 11 ? 4.66571   -10.75506 21.94587  1.000 6.21775  ? 11  I77 A N01  1 
HETATM 183 N N07  . I77 A 1 11 ? 4.33793   -8.72571  17.57442  1.000 4.40561  ? 11  I77 A N07  1 
HETATM 184 N N10  . I77 A 1 11 ? 1.04036   -7.19941  17.12757  1.000 4.84499  ? 11  I77 A N10  1 
HETATM 185 N N14  . I77 A 1 11 ? 0.40550   -5.26308  12.78848  1.000 3.53761  ? 11  I77 A N14  1 
HETATM 186 N N15  . I77 A 1 11 ? -0.36456  -4.60454  11.85305  1.000 3.18561  ? 11  I77 A N15  1 
HETATM 187 O O16  . I77 A 1 11 ? -1.37955  -5.62964  14.19260  1.000 4.39754  ? 11  I77 A O16  1 
HETATM 188 O O19  . I77 A 1 11 ? 6.42846   -10.78152 20.48566  1.000 5.47421  ? 11  I77 A O19  1 
HETATM 189 H H111 . I77 A 1 11 ? -0.76485  -6.37411  16.48930  1.000 5.57429  ? 11  I77 A H111 1 
HETATM 190 H H171 . I77 A 1 11 ? 2.45157   -6.46871  13.67370  1.000 4.47446  ? 11  I77 A H171 1 
HETATM 191 H H181 . I77 A 1 11 ? 3.87220   -7.54010  15.39560  1.000 4.08126  ? 11  I77 A H181 1 
HETATM 192 H H041 . I77 A 1 11 ? 2.86909   -9.24567  21.04603  1.000 5.88708  ? 11  I77 A H041 1 
HETATM 193 H H051 . I77 A 1 11 ? 1.61231   -7.97661  19.33185  1.000 5.41043  ? 11  I77 A H051 1 
HETATM 194 H H061 . I77 A 1 11 ? 6.00936   -9.80490  18.20332  1.000 5.04929  ? 11  I77 A H061 1 
HETATM 195 H H011 . I77 A 1 11 ? 3.73475   -10.44824 22.12322  1.000 7.46130  ? 11  I77 A H011 1 
HETATM 196 H H012 . I77 A 1 11 ? 5.14672   -11.29653 22.64663  1.000 7.46130  ? 11  I77 A H012 1 
HETATM 197 H H141 . I77 A 1 11 ? 1.38501   -5.42209  12.62317  1.000 4.24514  ? 11  I77 A H141 1 
HETATM 198 H H1   . I77 A 1 11 ? 0.17423   -4.51223  11.00469  1.000 3.82273  ? 11  I77 A H1   1 
HETATM 199 C C05  . I6W B 1 1  ? -0.48792  0.59750   -16.51307 1.000 4.42593  ? 1   I6W B C05  1 
HETATM 200 C C08  . I6W B 1 1  ? -1.80594  0.94328   -16.54858 1.000 4.20734  ? 1   I6W B C08  1 
HETATM 201 C C09  . I6W B 1 1  ? -2.47194  1.22476   -17.86933 1.000 5.29648  ? 1   I6W B C09  1 
HETATM 202 N N10  . I6W B 1 1  ? -1.81877  0.89368   -18.96044 1.000 6.43952  ? 1   I6W B N10  1 
HETATM 203 C C02  . I6W B 1 1  ? -0.24570  -0.17313  -12.79337 1.000 3.89857  ? 1   I6W B C02  1 
HETATM 204 C C03  . I6W B 1 1  ? -0.72851  0.21398   -14.18594 1.000 3.92420  ? 1   I6W B C03  1 
HETATM 205 C C04  . I6W B 1 1  ? 0.09839   0.22884   -15.29372 1.000 4.16713  ? 1   I6W B C04  1 
HETATM 206 C C06  . I6W B 1 1  ? -2.05392  0.54044   -14.29947 1.000 4.11973  ? 1   I6W B C06  1 
HETATM 207 C C11  . I6W B 1 1  ? -2.36352  1.02079   -20.15161 1.000 7.10330  ? 1   I6W B C11  1 
HETATM 208 C C12  . I6W B 1 1  ? -3.66693  1.46752   -20.26290 1.000 7.38184  ? 1   I6W B C12  1 
HETATM 209 C C13  . I6W B 1 1  ? -4.30275  1.57967   -21.66175 1.000 9.39004  ? 1   I6W B C13  1 
HETATM 210 C C15  . I6W B 1 1  ? -4.13909  1.26624   -24.00298 1.000 12.54218 ? 1   I6W B C15  1 
HETATM 211 C C16  . I6W B 1 1  ? -3.06145  1.14576   -25.10506 1.000 13.62467 ? 1   I6W B C16  1 
HETATM 212 C C18  . I6W B 1 1  ? -4.39809  1.77281   -19.15043 1.000 6.98325  ? 1   I6W B C18  1 
HETATM 213 C C19  . I6W B 1 1  ? -3.78648  1.63438   -17.91095 1.000 6.10918  ? 1   I6W B C19  1 
HETATM 214 N N07  . I6W B 1 1  ? -2.57736  0.88440   -15.46381 1.000 4.04718  ? 1   I6W B N07  1 
HETATM 215 O O01  . I6W B 1 1  ? -1.00204  -0.21686  -11.85195 1.000 4.28935  ? 1   I6W B O01  1 
HETATM 216 O O14  . I6W B 1 1  ? -3.44798  1.32281   -22.75237 1.000 11.19853 ? 1   I6W B O14  1 
HETATM 217 O O17  . I6W B 1 1  ? -5.45243  1.78106   -21.79097 1.000 9.87247  ? 1   I6W B O17  1 
HETATM 218 H H051 . I6W B 1 1  ? 0.09425   0.60739   -17.40840 1.000 5.31111  ? 1   I6W B H051 1 
HETATM 219 H H041 . I6W B 1 1  ? 1.18307   -0.04039  -15.22025 1.000 5.00056  ? 1   I6W B H041 1 
HETATM 220 H H061 . I6W B 1 1  ? -2.68599  0.51617   -13.41670 1.000 4.94367  ? 1   I6W B H061 1 
HETATM 221 H H111 . I6W B 1 1  ? -1.80346  0.78089   -21.02510 1.000 8.52396  ? 1   I6W B H111 1 
HETATM 222 H H152 . I6W B 1 1  ? -4.79374  0.40384   -24.02739 1.000 15.05062 ? 1   I6W B H152 1 
HETATM 223 H H151 . I6W B 1 1  ? -4.71984  2.16877   -24.14807 1.000 15.05062 ? 1   I6W B H151 1 
HETATM 224 H H162 . I6W B 1 1  ? -2.48830  0.21123   -24.95886 1.000 16.34961 ? 1   I6W B H162 1 
HETATM 225 H H163 . I6W B 1 1  ? -2.37641  2.01208   -25.04631 1.000 16.34961 ? 1   I6W B H163 1 
HETATM 226 H H161 . I6W B 1 1  ? -3.54995  1.12793   -26.09717 1.000 16.34961 ? 1   I6W B H161 1 
HETATM 227 H H181 . I6W B 1 1  ? -5.42991  2.11467   -19.23156 1.000 8.37990  ? 1   I6W B H181 1 
HETATM 228 H H191 . I6W B 1 1  ? -4.33323  1.84467   -16.99411 1.000 7.33102  ? 1   I6W B H191 1 
ATOM   229 N N    . LEU B 1 2  ? 1.11267   -0.56875  -12.69473 1.000 3.95481  ? 2   LEU B N    1 
ATOM   230 C CA   . LEU B 1 2  ? 1.52498   -1.04394  -11.39152 1.000 3.88210  ? 2   LEU B CA   1 
ATOM   231 C C    . LEU B 1 2  ? 1.42087   0.03283   -10.30720 1.000 3.90297  ? 2   LEU B C    1 
ATOM   232 O O    . LEU B 1 2  ? 1.12421   -0.27883  -9.14812  1.000 4.22644  ? 2   LEU B O    1 
ATOM   233 C CB   . LEU B 1 2  ? 2.93880   -1.61256  -11.48922 1.000 4.00077  ? 2   LEU B CB   1 
ATOM   234 C CG   . LEU B 1 2  ? 3.00580   -2.84218  -12.39815 1.000 4.02146  ? 2   LEU B CG   1 
ATOM   235 C CD1  . LEU B 1 2  ? 4.45318   -3.24259  -12.61064 1.000 5.16184  ? 2   LEU B CD1  1 
ATOM   236 C CD2  . LEU B 1 2  ? 2.20186   -4.01251  -11.83969 1.000 4.33281  ? 2   LEU B CD2  1 
ATOM   237 H HA   . LEU B 1 2  ? 0.92721   -1.75182  -11.10433 1.000 4.65852  ? 2   LEU B HA   1 
ATOM   238 H HB2  . LEU B 1 2  ? 3.52917   -0.93411  -11.85262 1.000 4.80092  ? 2   LEU B HB2  1 
ATOM   239 H HB3  . LEU B 1 2  ? 3.23787   -1.87297  -10.60399 1.000 4.80092  ? 2   LEU B HB3  1 
ATOM   240 H HG   . LEU B 1 2  ? 2.60894   -2.61483  -13.25355 1.000 4.82576  ? 2   LEU B HG   1 
ATOM   241 H HD11 . LEU B 1 2  ? 4.48769   -3.98043  -13.23937 1.000 6.19421  ? 2   LEU B HD11 1 
ATOM   242 H HD12 . LEU B 1 2  ? 4.94221   -2.48331  -12.96454 1.000 6.19421  ? 2   LEU B HD12 1 
ATOM   243 H HD13 . LEU B 1 2  ? 4.83376   -3.51415  -11.76075 1.000 6.19421  ? 2   LEU B HD13 1 
ATOM   244 H HD21 . LEU B 1 2  ? 2.42930   -4.81597  -12.33326 1.000 5.19937  ? 2   LEU B HD21 1 
ATOM   245 H HD22 . LEU B 1 2  ? 2.42110   -4.12727  -10.90179 1.000 5.19937  ? 2   LEU B HD22 1 
ATOM   246 H HD23 . LEU B 1 2  ? 1.25597   -3.82100  -11.93724 1.000 5.19937  ? 2   LEU B HD23 1 
HETATM 247 N N    . AIB B 1 3  ? 1.64693   1.29100   -10.67114 1.000 3.54116  ? 3   AIB B N    1 
HETATM 248 C CA   . AIB B 1 3  ? 1.45545   2.38257   -9.73531  1.000 3.75740  ? 3   AIB B CA   1 
HETATM 249 C C    . AIB B 1 3  ? 0.07582   2.32019   -9.06153  1.000 3.51969  ? 3   AIB B C    1 
HETATM 250 O O    . AIB B 1 3  ? -0.10787  2.65256   -7.89136  1.000 3.87677  ? 3   AIB B O    1 
HETATM 251 C CB1  . AIB B 1 3  ? 2.56962   2.38464   -8.65961  1.000 4.12515  ? 3   AIB B CB1  1 
HETATM 252 C CB2  . AIB B 1 3  ? 1.50278   3.72884   -10.47321 1.000 3.99816  ? 3   AIB B CB2  1 
HETATM 253 H H    . AIB B 1 3  ? 2.25177   1.56651   -11.41963 1.000 4.24940  ? 3   AIB B H    1 
HETATM 254 H HB11 . AIB B 1 3  ? 2.41531   3.23995   -7.95954  1.000 4.95017  ? 3   AIB B HB11 1 
HETATM 255 H HB12 . AIB B 1 3  ? 2.53927   1.42875   -8.08445  1.000 4.95017  ? 3   AIB B HB12 1 
HETATM 256 H HB13 . AIB B 1 3  ? 3.56662   2.48674   -9.15057  1.000 4.95017  ? 3   AIB B HB13 1 
HETATM 257 H HB21 . AIB B 1 3  ? 0.70996   3.74165   -11.25995 1.000 4.79779  ? 3   AIB B HB21 1 
HETATM 258 H HB22 . AIB B 1 3  ? 1.32419   4.55285   -9.74055  1.000 4.79779  ? 3   AIB B HB22 1 
HETATM 259 H HB23 . AIB B 1 3  ? 2.50791   3.85116   -10.94484 1.000 4.79779  ? 3   AIB B HB23 1 
ATOM   260 N N    . ALA B 1 4  ? -0.92324  1.90377   -9.84090  1.000 3.67403  ? 4   ALA B N    1 
ATOM   261 C CA   . ALA B 1 4  ? -2.28932  1.81955   -9.33490  1.000 3.84565  ? 4   ALA B CA   1 
ATOM   262 C C    . ALA B 1 4  ? -2.46004  0.68569   -8.31941  1.000 3.97343  ? 4   ALA B C    1 
ATOM   263 O O    . ALA B 1 4  ? -3.25090  0.81896   -7.38366  1.000 4.77818  ? 4   ALA B O    1 
ATOM   264 C CB   . ALA B 1 4  ? -3.27492  1.66115   -10.48888 1.000 4.37050  ? 4   ALA B CB   1 
ATOM   265 H H    . ALA B 1 4  ? -0.83401  1.66584   -10.66250 1.000 4.40883  ? 4   ALA B H    1 
ATOM   266 H HA   . ALA B 1 4  ? -2.49242  2.64791   -8.87289  1.000 4.61478  ? 4   ALA B HA   1 
ATOM   267 H HB1  . ALA B 1 4  ? -3.19606  2.42700   -11.07892 1.000 5.24460  ? 4   ALA B HB1  1 
ATOM   268 H HB2  . ALA B 1 4  ? -3.06569  0.84732   -10.97344 1.000 5.24460  ? 4   ALA B HB2  1 
ATOM   269 H HB3  . ALA B 1 4  ? -4.17499  1.61078   -10.13078 1.000 5.24460  ? 4   ALA B HB3  1 
HETATM 270 N N    . AIB B 1 5  ? -1.76486  -0.43340  -8.50711  1.000 3.89852  ? 5   AIB B N    1 
HETATM 271 C CA   . AIB B 1 5  ? -1.74128  -1.49319  -7.51313  1.000 4.26276  ? 5   AIB B CA   1 
HETATM 272 C C    . AIB B 1 5  ? -1.31684  -0.90774  -6.14867  1.000 3.77465  ? 5   AIB B C    1 
HETATM 273 O O    . AIB B 1 5  ? -1.89585  -1.16066  -5.08708  1.000 4.15988  ? 5   AIB B O    1 
HETATM 274 C CB1  . AIB B 1 5  ? -3.12033  -2.17870  -7.38732  1.000 5.03875  ? 5   AIB B CB1  1 
HETATM 275 C CB2  . AIB B 1 5  ? -0.70716  -2.56601  -7.90010  1.000 4.46706  ? 5   AIB B CB2  1 
HETATM 276 H H    . AIB B 1 5  ? -1.50775  -0.79395  -9.40483  1.000 4.67822  ? 5   AIB B H    1 
HETATM 277 H HB11 . AIB B 1 5  ? -3.92385  -1.40485  -7.35583  1.000 6.04650  ? 5   AIB B HB11 1 
HETATM 278 H HB12 . AIB B 1 5  ? -3.28913  -2.84841  -8.26393  1.000 6.04650  ? 5   AIB B HB12 1 
HETATM 279 H HB13 . AIB B 1 5  ? -3.15579  -2.78376  -6.45025  1.000 6.04650  ? 5   AIB B HB13 1 
HETATM 280 H HB21 . AIB B 1 5  ? 0.31826   -2.13084  -7.81747  1.000 5.36048  ? 5   AIB B HB21 1 
HETATM 281 H HB22 . AIB B 1 5  ? -0.80747  -3.43617  -7.20694  1.000 5.36048  ? 5   AIB B HB22 1 
HETATM 282 H HB23 . AIB B 1 5  ? -0.89720  -2.89361  -8.95094  1.000 5.36048  ? 5   AIB B HB23 1 
ATOM   283 N N    . LEU B 1 6  ? -0.26324  -0.08797  -6.19166  1.000 3.59089  ? 6   LEU B N    1 
ATOM   284 C CA   . LEU B 1 6  ? 0.25557   0.54688   -4.97846  1.000 3.57698  ? 6   LEU B CA   1 
ATOM   285 C C    . LEU B 1 6  ? -0.74632  1.54934   -4.39163  1.000 3.59245  ? 6   LEU B C    1 
ATOM   286 O O    . LEU B 1 6  ? -0.95107  1.59948   -3.17436  1.000 3.90854  ? 6   LEU B O    1 
ATOM   287 C CB   . LEU B 1 6  ? 1.59002   1.22615   -5.26642  1.000 3.72295  ? 6   LEU B CB   1 
ATOM   288 C CG   . LEU B 1 6  ? 2.23279   1.92935   -4.07693  1.000 4.07535  ? 6   LEU B CG   1 
ATOM   289 C CD1  . LEU B 1 6  ? 2.60180   0.95655   -2.96947  1.000 5.11552  ? 6   LEU B CD1  1 
ATOM   290 C CD2  . LEU B 1 6  ? 3.45598   2.69721   -4.54156  1.000 4.57083  ? 6   LEU B CD2  1 
ATOM   291 H H    . LEU B 1 6  ? 0.16639   0.11536   -6.90836  1.000 4.30906  ? 6   LEU B H    1 
ATOM   292 H HA   . LEU B 1 6  ? 0.40467   -0.13561  -4.30549  1.000 4.29238  ? 6   LEU B HA   1 
ATOM   293 H HB2  . LEU B 1 6  ? 2.21461   0.55230   -5.57741  1.000 4.46754  ? 6   LEU B HB2  1 
ATOM   294 H HB3  . LEU B 1 6  ? 1.45031   1.89291   -5.95693  1.000 4.46754  ? 6   LEU B HB3  1 
ATOM   295 H HG   . LEU B 1 6  ? 1.58939   2.54915   -3.69907  1.000 4.89042  ? 6   LEU B HG   1 
ATOM   296 H HD11 . LEU B 1 6  ? 1.78938   0.58248   -2.59405  1.000 6.13862  ? 6   LEU B HD11 1 
ATOM   297 H HD12 . LEU B 1 6  ? 3.15101   0.24859   -3.34103  1.000 6.13862  ? 6   LEU B HD12 1 
ATOM   298 H HD13 . LEU B 1 6  ? 3.09509   1.43206   -2.28284  1.000 6.13862  ? 6   LEU B HD13 1 
ATOM   299 H HD21 . LEU B 1 6  ? 4.09316   2.07428   -4.92478  1.000 5.48499  ? 6   LEU B HD21 1 
ATOM   300 H HD22 . LEU B 1 6  ? 3.18612   3.34702   -5.20926  1.000 5.48499  ? 6   LEU B HD22 1 
ATOM   301 H HD23 . LEU B 1 6  ? 3.85250   3.14985   -3.78077  1.000 5.48499  ? 6   LEU B HD23 1 
ATOM   302 N N    . HIS B 1 7  ? -1.38060  2.34420   -5.25307  1.000 3.88875  ? 7   HIS B N    1 
ATOM   303 C CA   . HIS B 1 7  ? -2.42110  3.24914   -4.77644  1.000 4.69885  ? 7   HIS B CA   1 
ATOM   304 C C    . HIS B 1 7  ? -3.50104  2.48848   -4.01438  1.000 4.76361  ? 7   HIS B C    1 
ATOM   305 O O    . HIS B 1 7  ? -3.97021  2.94673   -2.96571  1.000 5.02519  ? 7   HIS B O    1 
ATOM   306 C CB   . HIS B 1 7  ? -3.00107  4.03859   -5.95162  1.000 6.26424  ? 7   HIS B CB   1 
ATOM   307 C CG   . HIS B 1 7  ? -4.13556  4.93401   -5.57228  1.000 8.51976  ? 7   HIS B CG   1 
ATOM   308 N ND1  . HIS B 1 7  ? -5.44528  4.50972   -5.58382  1.000 10.39169 ? 7   HIS B ND1  1 
ATOM   309 C CD2  . HIS B 1 7  ? -4.15815  6.21779   -5.14053  1.000 9.86587  ? 7   HIS B CD2  1 
ATOM   310 C CE1  . HIS B 1 7  ? -6.22885  5.50172   -5.19845  1.000 10.92669 ? 7   HIS B CE1  1 
ATOM   311 N NE2  . HIS B 1 7  ? -5.47267  6.54842   -4.92156  1.000 10.89606 ? 7   HIS B NE2  1 
ATOM   312 H H    . HIS B 1 7  ? -1.23038  2.37765   -6.09919  1.000 4.66650  ? 7   HIS B H    1 
ATOM   313 H HA   . HIS B 1 7  ? -2.03545  3.89238   -4.16128  1.000 5.63862  ? 7   HIS B HA   1 
ATOM   314 H HB2  . HIS B 1 7  ? -2.30098  4.59215   -6.33155  1.000 7.51709  ? 7   HIS B HB2  1 
ATOM   315 H HB3  . HIS B 1 7  ? -3.32725  3.41293   -6.61725  1.000 7.51709  ? 7   HIS B HB3  1 
ATOM   316 H HD2  . HIS B 1 7  ? -3.42138  6.77144   -5.01581  1.000 11.83905 ? 7   HIS B HD2  1 
ATOM   317 H HE1  . HIS B 1 7  ? -7.15596  5.46834   -5.13328  1.000 13.11203 ? 7   HIS B HE1  1 
ATOM   318 H HE2  . HIS B 1 7  ? -5.75725  7.31266   -4.64855  1.000 13.07528 ? 7   HIS B HE2  1 
ATOM   319 N N    A GLN B 1 8  ? -3.90379  1.32347   -4.50704  0.584 4.51738  ? 8   GLN B N    1 
ATOM   320 N N    B GLN B 1 8  ? -3.87976  1.31353   -4.51232  0.416 4.54792  ? 8   GLN B N    1 
ATOM   321 C CA   A GLN B 1 8  ? -4.90233  0.54472   -3.79007  0.584 4.96357  ? 8   GLN B CA   1 
ATOM   322 C CA   B GLN B 1 8  ? -4.86407  0.45430   -3.86521  0.416 4.85088  ? 8   GLN B CA   1 
ATOM   323 C C    A GLN B 1 8  ? -4.34500  0.03750   -2.45476  0.584 4.03698  ? 8   GLN B C    1 
ATOM   324 C C    B GLN B 1 8  ? -4.34666  0.01823   -2.49225  0.416 4.21234  ? 8   GLN B C    1 
ATOM   325 O O    A GLN B 1 8  ? -5.04212  0.08306   -1.43303  0.584 3.94866  ? 8   GLN B O    1 
ATOM   326 O O    B GLN B 1 8  ? -5.06395  0.10266   -1.49075  0.416 4.32753  ? 8   GLN B O    1 
ATOM   327 C CB   A GLN B 1 8  ? -5.40203  -0.61917  -4.63239  0.584 5.78341  ? 8   GLN B CB   1 
ATOM   328 C CB   B GLN B 1 8  ? -5.15996  -0.74720  -4.77985  0.416 5.66456  ? 8   GLN B CB   1 
ATOM   329 C CG   A GLN B 1 8  ? -6.49599  -1.40159  -3.94606  0.584 6.45416  ? 8   GLN B CG   1 
ATOM   330 C CG   B GLN B 1 8  ? -5.79249  -1.96951  -4.12409  0.416 6.31271  ? 8   GLN B CG   1 
ATOM   331 C CD   A GLN B 1 8  ? -7.46340  -2.03154  -4.91405  0.584 7.16150  ? 8   GLN B CD   1 
ATOM   332 C CD   B GLN B 1 8  ? -7.29621  -1.95064  -4.25620  0.416 6.49722  ? 8   GLN B CD   1 
ATOM   333 O OE1  A GLN B 1 8  ? -7.94642  -1.38626  -5.84030  0.584 7.52873  ? 8   GLN B OE1  1 
ATOM   334 O OE1  B GLN B 1 8  ? -7.93144  -0.94136  -3.95539  0.416 7.34737  ? 8   GLN B OE1  1 
ATOM   335 N NE2  A GLN B 1 8  ? -7.73974  -3.31239  -4.71527  0.584 7.63006  ? 8   GLN B NE2  1 
ATOM   336 N NE2  B GLN B 1 8  ? -7.87544  -3.05597  -4.70999  0.416 6.40397  ? 8   GLN B NE2  1 
ATOM   337 H H    A GLN B 1 8  ? -3.61984  0.97096   -5.23828  0.584 5.42086  ? 8   GLN B H    1 
ATOM   338 H H    B GLN B 1 8  ? -3.57204  0.98332   -5.24436  0.416 5.45751  ? 8   GLN B H    1 
ATOM   339 H HA   A GLN B 1 8  ? -5.66519  1.11390   -3.60310  0.584 5.95629  ? 8   GLN B HA   1 
ATOM   340 H HA   B GLN B 1 8  ? -5.70250  0.91985   -3.71964  0.416 5.82106  ? 8   GLN B HA   1 
ATOM   341 H HB2  A GLN B 1 8  ? -5.75546  -0.27638  -5.46815  0.584 6.94010  ? 8   GLN B HB2  1 
ATOM   342 H HB2  B GLN B 1 8  ? -5.76835  -0.45224  -5.47539  0.416 6.79747  ? 8   GLN B HB2  1 
ATOM   343 H HB3  A GLN B 1 8  ? -4.66363  -1.22335  -4.80740  0.584 6.94010  ? 8   GLN B HB3  1 
ATOM   344 H HB3  B GLN B 1 8  ? -4.32246  -1.03834  -5.17321  0.416 6.79747  ? 8   GLN B HB3  1 
ATOM   345 H HG2  A GLN B 1 8  ? -6.09419  -2.11093  -3.42043  0.584 7.74499  ? 8   GLN B HG2  1 
ATOM   346 H HG2  B GLN B 1 8  ? -5.45824  -2.77293  -4.55267  0.416 7.57525  ? 8   GLN B HG2  1 
ATOM   347 H HG3  A GLN B 1 8  ? -6.99672  -0.80394  -3.36902  0.584 7.74499  ? 8   GLN B HG3  1 
ATOM   348 H HG3  B GLN B 1 8  ? -5.56885  -1.97941  -3.18027  0.416 7.57525  ? 8   GLN B HG3  1 
ATOM   349 H HE21 A GLN B 1 8  ? -7.37278  -3.73516  -4.06242  0.584 9.15608  ? 8   GLN B HE21 1 
ATOM   350 H HE21 B GLN B 1 8  ? -8.73010  -3.08755  -4.80039  0.416 7.68476  ? 8   GLN B HE21 1 
ATOM   351 H HE22 A GLN B 1 8  ? -8.28600  -3.72077  -5.23912  0.584 9.15608  ? 8   GLN B HE22 1 
ATOM   352 H HE22 B GLN B 1 8  ? -7.39594  -3.74027  -4.91348  0.416 7.68476  ? 8   GLN B HE22 1 
HETATM 353 N N    . AIB B 1 9  ? -3.09827  -0.43278  -2.45349  1.000 3.76035  ? 9   AIB B N    1 
HETATM 354 C CA   . AIB B 1 9  ? -2.45335  -0.90444  -1.24027  1.000 3.50519  ? 9   AIB B CA   1 
HETATM 355 C C    . AIB B 1 9  ? -2.42185  0.18043   -0.14016  1.000 3.31106  ? 9   AIB B C    1 
HETATM 356 O O    . AIB B 1 9  ? -2.38589  -0.09862  1.05732   1.000 4.04140  ? 9   AIB B O    1 
HETATM 357 C CB1  . AIB B 1 9  ? -3.17521  -2.14437  -0.68472  1.000 4.16521  ? 9   AIB B CB1  1 
HETATM 358 C CB2  . AIB B 1 9  ? -0.98643  -1.27050  -1.53682  1.000 3.67014  ? 9   AIB B CB2  1 
HETATM 359 H H    . AIB B 1 9  ? -2.40831  -0.19824  -3.13976  0.389 4.51241  ? 9   AIB B H    1 
HETATM 360 H HB11 . AIB B 1 9  ? -4.17071  -1.84870  -0.27601  1.000 4.99825  ? 9   AIB B HB11 1 
HETATM 361 H HB12 . AIB B 1 9  ? -3.32008  -2.89240  -1.50015  1.000 4.99825  ? 9   AIB B HB12 1 
HETATM 362 H HB13 . AIB B 1 9  ? -2.56465  -2.60196  0.12968   1.000 4.99825  ? 9   AIB B HB13 1 
HETATM 363 H HB21 . AIB B 1 9  ? -0.43350  -0.34733  -1.83634  1.000 4.40417  ? 9   AIB B HB21 1 
HETATM 364 H HB22 . AIB B 1 9  ? -0.52644  -1.70729  -0.61742  1.000 4.40417  ? 9   AIB B HB22 1 
HETATM 365 H HB23 . AIB B 1 9  ? -0.95747  -2.01688  -2.36735  1.000 4.40417  ? 9   AIB B HB23 1 
ATOM   366 N N    . LEU B 1 10 ? -2.43023  1.44135   -0.59075  1.000 3.07015  ? 10  LEU B N    1 
ATOM   367 C CA   . LEU B 1 10 ? -2.37472  2.60800   0.29638   1.000 3.52742  ? 10  LEU B CA   1 
ATOM   368 C C    . LEU B 1 10 ? -3.73888  3.23061   0.54572   1.000 3.65296  ? 10  LEU B C    1 
ATOM   369 O O    . LEU B 1 10 ? -3.89467  4.32906   1.04676   1.000 4.45288  ? 10  LEU B O    1 
ATOM   370 C CB   . LEU B 1 10 ? -1.45438  3.67132   -0.30071  1.000 3.38571  ? 10  LEU B CB   1 
ATOM   371 C CG   . LEU B 1 10 ? 0.01676   3.26056   -0.34128  1.000 3.96110  ? 10  LEU B CG   1 
ATOM   372 C CD1  . LEU B 1 10 ? 0.80344   4.27126   -1.16051  1.000 4.57090  ? 10  LEU B CD1  1 
ATOM   373 C CD2  . LEU B 1 10 ? 0.59239   3.12632   1.06454   1.000 4.65173  ? 10  LEU B CD2  1 
ATOM   374 H H    . LEU B 1 10 ? -2.46841  1.65107   -1.42391  1.000 3.68418  ? 10  LEU B H    1 
ATOM   375 H HA   . LEU B 1 10 ? -2.03058  2.30862   1.15244   1.000 4.23291  ? 10  LEU B HA   1 
ATOM   376 H HB2  . LEU B 1 10 ? -1.73717  3.85198   -1.21081  1.000 4.06286  ? 10  LEU B HB2  1 
ATOM   377 H HB3  . LEU B 1 10 ? -1.52262  4.47766   0.23415   1.000 4.06286  ? 10  LEU B HB3  1 
ATOM   378 H HG   . LEU B 1 10 ? 0.09654   2.39010   -0.76179  1.000 4.75331  ? 10  LEU B HG   1 
ATOM   379 H HD11 . LEU B 1 10 ? 0.66980   5.15528   -0.78429  1.000 5.48508  ? 10  LEU B HD11 1 
ATOM   380 H HD12 . LEU B 1 10 ? 1.74449   4.03792   -1.13080  1.000 5.48508  ? 10  LEU B HD12 1 
ATOM   381 H HD13 . LEU B 1 10 ? 0.48625   4.25037   -2.07694  1.000 5.48508  ? 10  LEU B HD13 1 
ATOM   382 H HD21 . LEU B 1 10 ? 0.14817   2.39351   1.51903   1.000 5.58208  ? 10  LEU B HD21 1 
ATOM   383 H HD22 . LEU B 1 10 ? 1.54367   2.94784   1.00056   1.000 5.58208  ? 10  LEU B HD22 1 
ATOM   384 H HD23 . LEU B 1 10 ? 0.44290   3.95423   1.54738   1.000 5.58208  ? 10  LEU B HD23 1 
HETATM 385 C C11  . I77 B 1 11 ? -8.96657  2.90651   2.65579   1.000 3.39891  ? 11  I77 B C11  1 
HETATM 386 C C12  . I77 B 1 11 ? -8.26523  3.01162   1.48217   1.000 3.27201  ? 11  I77 B C12  1 
HETATM 387 C C13  . I77 B 1 11 ? -6.79498  2.67762   1.49213   1.000 3.41021  ? 11  I77 B C13  1 
HETATM 388 C C17  . I77 B 1 11 ? -8.94497  3.34266   0.31233   1.000 3.65146  ? 11  I77 B C17  1 
HETATM 389 C C18  . I77 B 1 11 ? -10.28477 3.60705   0.35028   1.000 3.00968  ? 11  I77 B C18  1 
HETATM 390 C C02  . I77 B 1 11 ? -16.54336 4.48451   1.89339   1.000 4.86290  ? 11  I77 B C02  1 
HETATM 391 C C03  . I77 B 1 11 ? -15.03692 4.27759   1.73098   1.000 4.35699  ? 11  I77 B C03  1 
HETATM 392 C C04  . I77 B 1 11 ? -14.40971 3.61603   2.76170   1.000 4.43455  ? 11  I77 B C04  1 
HETATM 393 C C05  . I77 B 1 11 ? -13.06832 3.37643   2.66945   1.000 3.40960  ? 11  I77 B C05  1 
HETATM 394 C C06  . I77 B 1 11 ? -14.31707 4.69556   0.61208   1.000 4.10893  ? 11  I77 B C06  1 
HETATM 395 C C08  . I77 B 1 11 ? -12.39563 3.79915   1.56060   1.000 3.60887  ? 11  I77 B C08  1 
HETATM 396 C C09  . I77 B 1 11 ? -10.92335 3.49878   1.55610   1.000 3.08864  ? 11  I77 B C09  1 
HETATM 397 N N01  . I77 B 1 11 ? -17.24120 5.08895   0.79737   1.000 5.34083  ? 11  I77 B N01  1 
HETATM 398 N N07  . I77 B 1 11 ? -13.01048 4.43157   0.55956   1.000 4.62119  ? 11  I77 B N07  1 
HETATM 399 N N10  . I77 B 1 11 ? -10.26964 3.15176   2.66860   1.000 3.86686  ? 11  I77 B N10  1 
HETATM 400 N N14  . I77 B 1 11 ? -6.13850  2.81091   0.23420   1.000 3.86406  ? 11  I77 B N14  1 
HETATM 401 N N15  . I77 B 1 11 ? -4.81650  2.41501   0.13381   1.000 3.70497  ? 11  I77 B N15  1 
HETATM 402 O O16  . I77 B 1 11 ? -6.22893  2.29279   2.47137   1.000 3.81382  ? 11  I77 B O16  1 
HETATM 403 O O19  . I77 B 1 11 ? -17.11261 4.12415   2.87835   1.000 5.78244  ? 11  I77 B O19  1 
HETATM 404 H H111 . I77 B 1 11 ? -8.45985  2.62517   3.56591   1.000 4.07869  ? 11  I77 B H111 1 
HETATM 405 H H171 . I77 B 1 11 ? -8.40728  3.39081   -0.63459  1.000 4.38175  ? 11  I77 B H171 1 
HETATM 406 H H181 . I77 B 1 11 ? -10.82651 3.89426   -0.54847  1.000 3.61162  ? 11  I77 B H181 1 
HETATM 407 H H041 . I77 B 1 11 ? -14.96488 3.29405   3.62286   1.000 5.32146  ? 11  I77 B H041 1 
HETATM 408 H H051 . I77 B 1 11 ? -12.54636 2.85860   3.46463   1.000 4.09152  ? 11  I77 B H051 1 
HETATM 409 H H061 . I77 B 1 11 ? -14.80711 5.22193   -0.19500  1.000 4.93072  ? 11  I77 B H061 1 
HETATM 410 H H011 . I77 B 1 11 ? -18.22664 5.24626   0.85531   1.000 6.40899  ? 11  I77 B H011 1 
HETATM 411 H H012 . I77 B 1 11 ? -16.73893 5.37946   -0.02393  1.000 6.40899  ? 11  I77 B H012 1 
HETATM 412 H H141 . I77 B 1 11 ? -6.62519  3.18445   -0.56307  1.000 4.63687  ? 11  I77 B H141 1 
HETATM 413 H H1   . I77 B 1 11 ? -4.43124  2.81110   -0.70837  1.000 4.44597  ? 11  I77 B H1   1 
HETATM 414 O O    . HOH C 2 .  ? 8.57216   -11.64950 21.84081  1.000 4.07439  ? 201 HOH A O    1 
HETATM 415 O O    . HOH C 2 .  ? -3.52034  -4.09235  13.40542  1.000 4.28204  ? 202 HOH A O    1 
HETATM 416 O O    . HOH C 2 .  ? 2.99341   -4.75391  12.04999  1.000 4.52204  ? 203 HOH A O    1 
HETATM 417 O O    . HOH C 2 .  ? 4.49005   -5.47764  0.74691   1.000 7.96916  ? 204 HOH A O    1 
HETATM 418 O O    . HOH C 2 .  ? 5.91289   -1.49884  8.55638   1.000 10.90284 ? 205 HOH A O    1 
HETATM 419 O O    . HOH C 2 .  ? 5.53268   -2.28794  11.19829  1.000 16.17150 ? 206 HOH A O    1 
HETATM 420 O O    . HOH D 2 .  ? -16.94524 3.89350   5.60806   1.000 14.83248 ? 201 HOH B O    1 
HETATM 421 O O    . HOH D 2 .  ? -6.60564  3.69065   -2.32391  1.000 6.65268  ? 202 HOH B O    1 
HETATM 422 O O    . HOH D 2 .  ? -4.38495  0.24925   2.91608   1.000 4.11166  ? 203 HOH B O    1 
HETATM 423 O O    . HOH D 2 .  ? -16.75513 5.42496   -1.94321  1.000 15.45945 ? 204 HOH B O    1 
HETATM 424 O O    . HOH D 2 .  ? -3.08628  5.06841   3.69933   1.000 4.65617  ? 205 HOH B O    1 
HETATM 425 O O    . HOH D 2 .  ? -5.84535  2.15070   -7.34955  1.000 13.38515 ? 206 HOH B O    1 
HETATM 426 O O    . HOH D 2 .  ? -8.70032  2.48246   -3.50221  1.000 20.87130 ? 207 HOH B O    1 
HETATM 427 O O    . HOH D 2 .  ? -13.79714 4.80787   -3.02523  1.000 21.80116 ? 208 HOH B O    1 
HETATM 428 O O    . HOH D 2 .  ? -17.47623 0.91705   4.72700   1.000 21.11197 ? 209 HOH B O    1 
HETATM 429 O O    . HOH D 2 .  ? -11.03930 3.83890   -2.55736  1.000 9.19489  ? 210 HOH B O    1 
HETATM 430 O O    . HOH D 2 .  ? -12.94161 1.39325   4.86446   1.000 9.90681  ? 211 HOH B O    1 
HETATM 431 O O    . HOH D 2 .  ? -15.08056 0.10906   3.66205   1.000 12.77869 ? 212 HOH B O    1 
HETATM 432 O O    . HOH D 2 .  ? -14.59174 2.89280   6.51162   1.000 13.18456 ? 213 HOH B O    1 
# 
loop_
_atom_site_anisotrop.id 
_atom_site_anisotrop.type_symbol 
_atom_site_anisotrop.pdbx_label_atom_id 
_atom_site_anisotrop.pdbx_label_alt_id 
_atom_site_anisotrop.pdbx_label_comp_id 
_atom_site_anisotrop.pdbx_label_asym_id 
_atom_site_anisotrop.pdbx_label_seq_id 
_atom_site_anisotrop.pdbx_PDB_ins_code 
_atom_site_anisotrop.U[1][1] 
_atom_site_anisotrop.U[2][2] 
_atom_site_anisotrop.U[3][3] 
_atom_site_anisotrop.U[1][2] 
_atom_site_anisotrop.U[1][3] 
_atom_site_anisotrop.U[2][3] 
_atom_site_anisotrop.pdbx_auth_seq_id 
_atom_site_anisotrop.pdbx_auth_comp_id 
_atom_site_anisotrop.pdbx_auth_asym_id 
_atom_site_anisotrop.pdbx_auth_atom_id 
1   C C05 . I6W A 1  ? 0.03324 0.03763 0.04386 0.00392  -0.02023 -0.01293 1   I6W A C05 
2   C C08 . I6W A 1  ? 0.03390 0.03128 0.04798 0.00310  -0.01718 -0.00651 1   I6W A C08 
3   C C09 . I6W A 1  ? 0.03789 0.04093 0.04399 0.00738  -0.01594 -0.01032 1   I6W A C09 
4   N N10 . I6W A 1  ? 0.04493 0.04931 0.05433 0.00945  -0.02246 -0.01068 1   I6W A N10 
5   C C02 . I6W A 1  ? 0.03616 0.03854 0.04371 0.00529  -0.01866 -0.00494 1   I6W A C02 
6   C C03 . I6W A 1  ? 0.03008 0.03699 0.04315 -0.00158 -0.01782 -0.00617 1   I6W A C03 
7   C C04 . I6W A 1  ? 0.03256 0.03657 0.04298 0.00111  -0.01971 -0.00870 1   I6W A C04 
8   C C06 . I6W A 1  ? 0.03246 0.05292 0.05006 0.00395  -0.01974 -0.00544 1   I6W A C06 
9   C C11 . I6W A 1  ? 0.03961 0.04197 0.05307 0.00723  -0.01804 -0.01056 1   I6W A C11 
10  C C12 . I6W A 1  ? 0.03674 0.05022 0.05815 0.01366  -0.01249 -0.00915 1   I6W A C12 
11  C C13 . I6W A 1  ? 0.03790 0.07232 0.06131 0.01625  -0.01513 -0.01289 1   I6W A C13 
12  C C15 . I6W A 1  ? 0.04083 0.08582 0.07697 0.01046  -0.02069 -0.00979 1   I6W A C15 
13  C C16 . I6W A 1  ? 0.04555 0.11076 0.08189 0.00138  -0.02773 0.00485  1   I6W A C16 
14  C C18 . I6W A 1  ? 0.03841 0.07419 0.05476 0.02060  -0.00999 -0.00154 1   I6W A C18 
15  C C19 . I6W A 1  ? 0.03649 0.06229 0.04006 0.01583  -0.01041 -0.00527 1   I6W A C19 
16  N N07 . I6W A 1  ? 0.03308 0.05012 0.04433 0.00237  -0.01857 -0.00385 1   I6W A N07 
17  O O01 . I6W A 1  ? 0.03864 0.04990 0.04392 0.00767  -0.01692 -0.00542 1   I6W A O01 
18  O O14 . I6W A 1  ? 0.03709 0.06016 0.06684 0.01339  -0.01692 -0.01730 1   I6W A O14 
19  O O17 . I6W A 1  ? 0.04630 0.11095 0.06759 0.03027  -0.01449 -0.01326 1   I6W A O17 
31  N N   . LEU A 2  ? 0.03486 0.05035 0.05106 0.01008  -0.01808 0.00224  2   LEU A N   
32  C CA  . LEU A 2  ? 0.03280 0.04404 0.04757 0.00653  -0.01784 -0.00643 2   LEU A CA  
33  C C   . LEU A 2  ? 0.03242 0.04442 0.04774 0.01120  -0.01254 -0.00641 2   LEU A C   
34  O O   . LEU A 2  ? 0.03509 0.04204 0.05135 0.01564  -0.01102 -0.00468 2   LEU A O   
35  C CB  . LEU A 2  ? 0.03737 0.04019 0.05445 0.00485  -0.01570 -0.00250 2   LEU A CB  
36  C CG  . LEU A 2  ? 0.05447 0.03879 0.06043 0.00834  -0.01631 -0.00357 2   LEU A CG  
37  C CD1 . LEU A 2  ? 0.06097 0.04177 0.07035 0.01052  -0.01957 0.00218  2   LEU A CD1 
38  C CD2 . LEU A 2  ? 0.07554 0.05545 0.07137 0.01276  -0.02706 -0.00391 2   LEU A CD2 
49  N N   . AIB A 3  ? 0.03746 0.04366 0.04213 0.00562  -0.01423 -0.01095 3   AIB A N   
50  C CA  . AIB A 3  ? 0.04326 0.04551 0.04518 0.00480  -0.01387 -0.00768 3   AIB A CA  
51  C C   . AIB A 3  ? 0.03981 0.03350 0.04879 0.01249  -0.01358 -0.01279 3   AIB A C   
52  O O   . AIB A 3  ? 0.03667 0.03601 0.05013 0.00952  -0.01118 -0.01059 3   AIB A O   
53  C CB1 . AIB A 3  ? 0.04318 0.06821 0.05962 0.00071  -0.02366 -0.00358 3   AIB A CB1 
54  C CB2 . AIB A 3  ? 0.05025 0.04768 0.05483 0.00622  -0.01381 -0.01362 3   AIB A CB2 
62  N N   . ALA A 4  ? 0.03931 0.03298 0.04541 0.01351  -0.01268 -0.00925 4   ALA A N   
63  C CA  . ALA A 4  ? 0.03920 0.04409 0.05025 0.01211  -0.01322 -0.00436 4   ALA A CA  
64  C C   . ALA A 4  ? 0.03673 0.03925 0.04566 0.00379  -0.01398 -0.00848 4   ALA A C   
65  O O   . ALA A 4  ? 0.04054 0.04456 0.05037 0.00682  -0.01505 -0.00647 4   ALA A O   
66  C CB  . ALA A 4  ? 0.04067 0.06569 0.05426 0.01400  -0.01751 -0.00424 4   ALA A CB  
72  N N   . AIB A 5  ? 0.04199 0.03591 0.04692 0.00540  -0.01104 -0.00998 5   AIB A N   
73  C CA  . AIB A 5  ? 0.04606 0.03554 0.05232 0.00852  -0.00718 -0.01240 5   AIB A CA  
74  C C   . AIB A 5  ? 0.04059 0.03713 0.04442 0.00939  -0.00311 -0.00808 5   AIB A C   
75  O O   . AIB A 5  ? 0.04445 0.03836 0.04835 0.00623  -0.00815 -0.00799 5   AIB A O   
76  C CB1 . AIB A 5  ? 0.05190 0.03926 0.06283 0.00883  -0.00702 -0.01376 5   AIB A CB1 
77  C CB2 . AIB A 5  ? 0.05363 0.03617 0.05967 0.01389  -0.00700 -0.00617 5   AIB A CB2 
85  N N   . LEU A 6  ? 0.03986 0.04064 0.04489 0.00950  -0.00816 -0.00908 6   LEU A N   
86  C CA  . LEU A 6  ? 0.04116 0.03731 0.04592 0.01215  -0.00895 -0.01295 6   LEU A CA  
87  C C   . LEU A 6  ? 0.04112 0.03521 0.04483 0.00761  -0.01387 -0.01766 6   LEU A C   
88  O O   . LEU A 6  ? 0.04184 0.04328 0.04556 0.00571  -0.00993 -0.00408 6   LEU A O   
89  C CB  . LEU A 6  ? 0.05026 0.03590 0.04188 0.01385  -0.01355 -0.00971 6   LEU A CB  
90  C CG  . LEU A 6  ? 0.05027 0.03131 0.05354 0.01004  -0.01961 -0.00673 6   LEU A CG  
91  C CD1 . LEU A 6  ? 0.05057 0.03694 0.05905 0.01594  -0.01949 -0.00686 6   LEU A CD1 
92  C CD2 . LEU A 6  ? 0.05623 0.03942 0.06439 0.01249  -0.02686 -0.01179 6   LEU A CD2 
104 N N   . HIS A 7  ? 0.04558 0.04032 0.04213 0.01211  -0.01002 -0.01163 7   HIS A N   
105 C CA  . HIS A 7  ? 0.04823 0.03273 0.04736 0.00806  -0.01252 -0.01173 7   HIS A CA  
106 C C   . HIS A 7  ? 0.05091 0.03979 0.04364 0.01023  -0.01200 -0.00850 7   HIS A C   
107 O O   . HIS A 7  ? 0.06987 0.03683 0.04792 0.00989  -0.01616 -0.00598 7   HIS A O   
108 C CB  . HIS A 7  ? 0.05833 0.03797 0.05070 0.01236  -0.01466 -0.01598 7   HIS A CB  
109 C CG  . HIS A 7  ? 0.05658 0.05126 0.06101 0.00762  -0.01229 -0.02266 7   HIS A CG  
110 N ND1 . HIS A 7  ? 0.06143 0.06627 0.06812 0.00514  -0.01353 -0.02609 7   HIS A ND1 
111 C CD2 . HIS A 7  ? 0.06740 0.05398 0.07332 0.01280  -0.00918 -0.01643 7   HIS A CD2 
112 C CE1 . HIS A 7  ? 0.06846 0.07444 0.07489 0.01190  -0.01511 -0.02991 7   HIS A CE1 
113 N NE2 . HIS A 7  ? 0.07294 0.07312 0.06274 0.02014  -0.00953 -0.02604 7   HIS A NE2 
121 N N   . GLN A 8  ? 0.04330 0.03439 0.04180 0.00804  -0.01265 -0.01130 8   GLN A N   
122 C CA  . GLN A 8  ? 0.04521 0.03338 0.04015 0.00561  -0.01772 -0.00930 8   GLN A CA  
123 C C   . GLN A 8  ? 0.04426 0.02350 0.04150 0.00537  -0.01364 -0.01120 8   GLN A C   
124 O O   . GLN A 8  ? 0.04782 0.03530 0.03853 0.00627  -0.01309 -0.00669 8   GLN A O   
125 C CB  . GLN A 8  ? 0.04755 0.03194 0.04739 0.00112  -0.01850 -0.00545 8   GLN A CB  
126 C CG  . GLN A 8  ? 0.05063 0.04303 0.05357 0.00039  -0.01832 -0.00927 8   GLN A CG  
127 C CD  . GLN A 8  ? 0.06117 0.03484 0.05499 -0.00128 -0.01883 -0.01246 8   GLN A CD  
128 O OE1 . GLN A 8  ? 0.07611 0.04823 0.05666 -0.00359 -0.02284 -0.01048 8   GLN A OE1 
129 N NE2 . GLN A 8  ? 0.07122 0.03623 0.05760 0.00240  -0.02383 -0.01141 8   GLN A NE2 
138 N N   . AIB A 9  ? 0.04348 0.02773 0.04066 0.00655  -0.01044 -0.00815 9   AIB A N   
139 C CA  . AIB A 9  ? 0.04471 0.02700 0.04851 0.00834  -0.00896 -0.00780 9   AIB A CA  
140 C C   . AIB A 9  ? 0.03797 0.03177 0.05219 0.00732  -0.00798 -0.00523 9   AIB A C   
141 O O   . AIB A 9  ? 0.04492 0.04141 0.06395 0.01552  0.00619  0.00331  9   AIB A O   
142 C CB1 . AIB A 9  ? 0.05698 0.03364 0.04890 0.01636  -0.00724 -0.00743 9   AIB A CB1 
143 C CB2 . AIB A 9  ? 0.04785 0.03391 0.05655 0.01164  -0.01312 -0.00238 9   AIB A CB2 
151 N N   . LEU A 10 ? 0.03814 0.02581 0.04686 0.01096  -0.01538 -0.00828 10  LEU A N   
152 C CA  . LEU A 10 ? 0.03649 0.02875 0.05243 0.00818  -0.01858 -0.00657 10  LEU A CA  
153 C C   . LEU A 10 ? 0.04350 0.03022 0.05314 0.00912  -0.02757 -0.00760 10  LEU A C   
154 O O   . LEU A 10 ? 0.05223 0.03322 0.06393 0.00492  -0.03345 -0.00082 10  LEU A O   
155 C CB  . LEU A 10 ? 0.04067 0.02549 0.05293 0.00926  -0.01961 -0.01120 10  LEU A CB  
156 C CG  . LEU A 10 ? 0.04826 0.03141 0.05975 0.00582  -0.02533 -0.00818 10  LEU A CG  
157 C CD1 . LEU A 10 ? 0.05485 0.03924 0.05700 0.00702  -0.02341 -0.00742 10  LEU A CD1 
158 C CD2 . LEU A 10 ? 0.05205 0.05687 0.05674 0.02293  -0.02767 -0.01752 10  LEU A CD2 
170 C C11 . I77 A 11 ? 0.05938 0.05626 0.06087 0.01002  -0.02694 0.00156  11  I77 A C11 
171 C C12 . I77 A 11 ? 0.05564 0.03123 0.04995 0.00437  -0.03086 -0.00702 11  I77 A C12 
172 C C13 . I77 A 11 ? 0.04839 0.03985 0.05028 0.00390  -0.02936 -0.00115 11  I77 A C13 
173 C C17 . I77 A 11 ? 0.05465 0.03033 0.05669 0.00264  -0.03255 -0.00639 11  I77 A C17 
174 C C18 . I77 A 11 ? 0.05419 0.02465 0.05038 0.00392  -0.02945 -0.00707 11  I77 A C18 
175 C C02 . I77 A 11 ? 0.07697 0.03536 0.06288 0.01005  -0.03913 -0.00326 11  I77 A C02 
176 C C03 . I77 A 11 ? 0.06725 0.03702 0.06542 0.00201  -0.03899 -0.00414 11  I77 A C03 
177 C C04 . I77 A 11 ? 0.06548 0.05334 0.06760 0.00765  -0.03666 -0.00005 11  I77 A C04 
178 C C05 . I77 A 11 ? 0.06384 0.05357 0.05390 0.01191  -0.03394 -0.00895 11  I77 A C05 
179 C C06 . I77 A 11 ? 0.06182 0.03619 0.06187 0.00168  -0.03428 -0.01010 11  I77 A C06 
180 C C08 . I77 A 11 ? 0.05842 0.03365 0.05625 0.00168  -0.03157 -0.00961 11  I77 A C08 
181 C C09 . I77 A 11 ? 0.05719 0.02930 0.05698 -0.00078 -0.03172 -0.00576 11  I77 A C09 
182 N N01 . I77 A 11 ? 0.09049 0.06842 0.07733 0.02723  -0.02837 0.01846  11  I77 A N01 
183 N N07 . I77 A 11 ? 0.06267 0.04537 0.05934 0.00365  -0.03460 -0.01184 11  I77 A N07 
184 N N10 . I77 A 11 ? 0.06145 0.05530 0.06734 0.00844  -0.02627 0.00439  11  I77 A N10 
185 N N14 . I77 A 11 ? 0.04690 0.03731 0.05020 0.00782  -0.02828 -0.00362 11  I77 A N14 
186 N N15 . I77 A 11 ? 0.04431 0.02731 0.04942 0.00583  -0.02756 -0.00420 11  I77 A N15 
187 O O16 . I77 A 11 ? 0.04250 0.06466 0.05993 0.01003  -0.02648 0.00614  11  I77 A O16 
188 O O19 . I77 A 11 ? 0.07542 0.06682 0.06577 0.01852  -0.03700 0.00261  11  I77 A O19 
199 C C05 . I6W B 1  ? 0.04912 0.03380 0.08524 0.01367  -0.01966 -0.01440 1   I6W B C05 
200 C C08 . I6W B 1  ? 0.05037 0.02757 0.08193 0.00726  -0.02064 -0.01394 1   I6W B C08 
201 C C09 . I6W B 1  ? 0.07011 0.04294 0.08820 0.01249  -0.02757 -0.00612 1   I6W B C09 
202 N N10 . I6W B 1  ? 0.08736 0.08009 0.07723 0.02878  -0.02677 -0.00548 1   I6W B N10 
203 C C02 . I6W B 1  ? 0.03487 0.04120 0.07207 0.00766  -0.01557 -0.01251 1   I6W B C02 
204 C C03 . I6W B 1  ? 0.03794 0.03881 0.07234 0.01022  -0.01543 -0.01600 1   I6W B C03 
205 C C04 . I6W B 1  ? 0.04119 0.04143 0.07571 0.01636  -0.00931 -0.00969 1   I6W B C04 
206 C C06 . I6W B 1  ? 0.04401 0.03373 0.07879 0.01082  -0.02175 -0.02122 1   I6W B C06 
207 C C11 . I6W B 1  ? 0.09786 0.07889 0.09315 0.02396  -0.03530 -0.00035 1   I6W B C11 
208 C C12 . I6W B 1  ? 0.10945 0.06174 0.10929 0.02286  -0.04705 -0.00502 1   I6W B C12 
209 C C13 . I6W B 1  ? 0.13943 0.09979 0.11755 0.04405  -0.05924 -0.01227 1   I6W B C13 
210 C C15 . I6W B 1  ? 0.16415 0.18324 0.12916 0.06520  -0.06391 -0.01307 1   I6W B C15 
211 C C16 . I6W B 1  ? 0.16703 0.20650 0.14415 0.06967  -0.06338 -0.00645 1   I6W B C16 
212 C C18 . I6W B 1  ? 0.09395 0.06044 0.11094 0.02045  -0.04323 -0.00630 1   I6W B C18 
213 C C19 . I6W B 1  ? 0.07849 0.05078 0.10285 0.01327  -0.03488 -0.00240 1   I6W B C19 
214 N N07 . I6W B 1  ? 0.04414 0.03132 0.07832 0.00815  -0.02037 -0.01830 1   I6W B N07 
215 O O01 . I6W B 1  ? 0.03763 0.05423 0.07112 0.00856  -0.01678 -0.01589 1   I6W B O01 
216 O O14 . I6W B 1  ? 0.15561 0.15194 0.11795 0.05733  -0.06263 -0.01701 1   I6W B O14 
217 O O17 . I6W B 1  ? 0.14887 0.10217 0.12407 0.04748  -0.06612 -0.01067 1   I6W B O17 
229 N N   . LEU B 2  ? 0.04234 0.03877 0.06916 0.01182  -0.01831 -0.01167 2   LEU B N   
230 C CA  . LEU B 2  ? 0.04204 0.04039 0.06508 0.01323  -0.01526 -0.01127 2   LEU B CA  
231 C C   . LEU B 2  ? 0.04259 0.03782 0.06788 0.01150  -0.01002 0.00171  2   LEU B C   
232 O O   . LEU B 2  ? 0.04790 0.04314 0.06954 0.01213  -0.00810 0.00725  2   LEU B O   
233 C CB  . LEU B 2  ? 0.04275 0.03798 0.07129 0.01199  -0.01453 -0.00725 2   LEU B CB  
234 C CG  . LEU B 2  ? 0.04802 0.03032 0.07446 0.01134  -0.01662 -0.00923 2   LEU B CG  
235 C CD1 . LEU B 2  ? 0.05558 0.05004 0.09051 0.01795  -0.01981 -0.00321 2   LEU B CD1 
236 C CD2 . LEU B 2  ? 0.05336 0.03393 0.07732 0.01162  -0.01636 -0.00507 2   LEU B CD2 
247 N N   . AIB B 3  ? 0.04273 0.03839 0.05343 0.00935  -0.01090 -0.00672 3   AIB B N   
248 C CA  . AIB B 3  ? 0.04566 0.04169 0.05541 0.01192  -0.00790 -0.00655 3   AIB B CA  
249 C C   . AIB B 3  ? 0.04426 0.04230 0.04717 0.01413  -0.00884 -0.00680 3   AIB B C   
250 O O   . AIB B 3  ? 0.04206 0.05052 0.05473 0.00923  -0.01267 -0.00156 3   AIB B O   
251 C CB1 . AIB B 3  ? 0.04140 0.05834 0.05699 0.00625  -0.01109 -0.00385 3   AIB B CB1 
252 C CB2 . AIB B 3  ? 0.05413 0.03875 0.05902 0.01558  -0.00670 -0.00698 3   AIB B CB2 
260 N N   . ALA B 4  ? 0.04489 0.04810 0.04659 0.01836  -0.00951 0.00142  4   ALA B N   
261 C CA  . ALA B 4  ? 0.04098 0.05871 0.04643 0.01625  -0.01314 0.00168  4   ALA B CA  
262 C C   . ALA B 4  ? 0.04014 0.06239 0.04844 0.00567  -0.01830 0.00408  4   ALA B C   
263 O O   . ALA B 4  ? 0.04152 0.07910 0.06092 0.01450  -0.01720 0.00406  4   ALA B O   
264 C CB  . ALA B 4  ? 0.04169 0.06695 0.05742 0.01660  -0.01508 0.01011  4   ALA B CB  
270 N N   . AIB B 5  ? 0.04539 0.05917 0.04357 -0.00193 -0.02196 0.00397  5   AIB B N   
271 C CA  . AIB B 5  ? 0.05488 0.05545 0.05164 -0.00311 -0.02469 0.00104  5   AIB B CA  
272 C C   . AIB B 5  ? 0.04936 0.04673 0.04734 0.00232  -0.01689 -0.00373 5   AIB B C   
273 O O   . AIB B 5  ? 0.05036 0.05867 0.04902 -0.00504 -0.02078 0.00016  5   AIB B O   
274 C CB1 . AIB B 5  ? 0.06101 0.06889 0.06156 -0.00904 -0.02976 0.00582  5   AIB B CB1 
275 C CB2 . AIB B 5  ? 0.06814 0.04629 0.05529 0.00647  -0.02303 0.00073  5   AIB B CB2 
283 N N   . LEU B 6  ? 0.04341 0.04426 0.04876 0.00621  -0.02029 -0.00778 6   LEU B N   
284 C CA  . LEU B 6  ? 0.03872 0.04730 0.04990 0.01063  -0.01767 -0.00661 6   LEU B CA  
285 C C   . LEU B 6  ? 0.03402 0.05096 0.05152 0.00800  -0.02048 -0.00506 6   LEU B C   
286 O O   . LEU B 6  ? 0.03414 0.06448 0.04988 0.01420  -0.01820 -0.00187 6   LEU B O   
287 C CB  . LEU B 6  ? 0.03445 0.05031 0.05670 0.01095  -0.01476 -0.00768 6   LEU B CB  
288 C CG  . LEU B 6  ? 0.03763 0.05992 0.05730 0.00772  -0.02040 -0.01154 6   LEU B CG  
289 C CD1 . LEU B 6  ? 0.04241 0.08904 0.06290 0.00593  -0.02659 -0.00135 6   LEU B CD1 
290 C CD2 . LEU B 6  ? 0.04124 0.06601 0.06642 0.00610  -0.02116 -0.01160 6   LEU B CD2 
302 N N   . HIS B 7  ? 0.04031 0.05225 0.05520 0.01267  -0.01850 -0.00463 7   HIS B N   
303 C CA  . HIS B 7  ? 0.04932 0.06290 0.06632 0.02058  -0.01475 0.00453  7   HIS B CA  
304 C C   . HIS B 7  ? 0.04413 0.07266 0.06420 0.02002  -0.01386 0.00252  7   HIS B C   
305 O O   . HIS B 7  ? 0.05172 0.07439 0.06481 0.02405  -0.01482 0.00372  7   HIS B O   
306 C CB  . HIS B 7  ? 0.06291 0.08325 0.09185 0.03109  -0.00968 0.02168  7   HIS B CB  
307 C CG  . HIS B 7  ? 0.08821 0.12258 0.11293 0.05336  -0.00634 0.02862  7   HIS B CG  
308 N ND1 . HIS B 7  ? 0.09495 0.17367 0.12622 0.06236  -0.00348 0.03542  7   HIS B ND1 
309 C CD2 . HIS B 7  ? 0.10789 0.15693 0.11004 0.07247  -0.00846 0.01289  7   HIS B CD2 
310 C CE1 . HIS B 7  ? 0.10283 0.18779 0.12455 0.07111  -0.00323 0.02762  7   HIS B CE1 
311 N NE2 . HIS B 7  ? 0.11496 0.17912 0.11994 0.07978  -0.00648 0.01327  7   HIS B NE2 
319 N N   A GLN B 8  ? 0.03685 0.07148 0.06331 0.01009  -0.01373 0.00625  8   GLN B N   
320 N N   B GLN B 8  ? 0.03875 0.07139 0.06266 0.01486  -0.01121 0.00213  8   GLN B N   
321 C CA  A GLN B 8  ? 0.03564 0.08766 0.06529 -0.00061 -0.01900 0.01240  8   GLN B CA  
322 C CA  B GLN B 8  ? 0.03710 0.08410 0.06312 0.00850  -0.01274 0.00373  8   GLN B CA  
323 C C   A GLN B 8  ? 0.03133 0.06255 0.05950 -0.00024 -0.01689 -0.00349 8   GLN B C   
324 C C   B GLN B 8  ? 0.03306 0.06494 0.06205 0.00480  -0.01371 -0.00307 8   GLN B C   
325 O O   A GLN B 8  ? 0.03024 0.06527 0.05452 0.00362  -0.01315 -0.00894 8   GLN B O   
326 O O   B GLN B 8  ? 0.03206 0.06754 0.06483 0.00608  -0.01166 -0.00284 8   GLN B O   
327 C CB  A GLN B 8  ? 0.04859 0.09747 0.07369 -0.01058 -0.03077 0.01116  8   GLN B CB  
328 C CB  B GLN B 8  ? 0.04542 0.09983 0.06997 0.00528  -0.01958 0.00414  8   GLN B CB  
329 C CG  A GLN B 8  ? 0.05157 0.10625 0.08741 -0.01098 -0.03316 0.01728  8   GLN B CG  
330 C CG  B GLN B 8  ? 0.05344 0.10573 0.08069 0.01294  -0.01880 -0.00130 8   GLN B CG  
331 C CD  A GLN B 8  ? 0.06418 0.11088 0.09704 -0.00373 -0.03205 0.02557  8   GLN B CD  
332 C CD  B GLN B 8  ? 0.05199 0.09746 0.09743 0.00455  -0.02036 0.00020  8   GLN B CD  
333 O OE1 A GLN B 8  ? 0.07067 0.11098 0.10441 0.00292  -0.03316 0.02029  8   GLN B OE1 
334 O OE1 B GLN B 8  ? 0.05556 0.11179 0.11181 0.01209  -0.01906 0.00103  8   GLN B OE1 
335 N NE2 A GLN B 8  ? 0.06942 0.11732 0.10315 -0.00568 -0.03171 0.03860  8   GLN B NE2 
336 N NE2 B GLN B 8  ? 0.05456 0.08865 0.10011 -0.00218 -0.02192 0.00587  8   GLN B NE2 
353 N N   . AIB B 9  ? 0.03437 0.05199 0.05652 0.00463  -0.01586 -0.00725 9   AIB B N   
354 C CA  . AIB B 9  ? 0.04350 0.03995 0.04973 0.01520  -0.01438 -0.00941 9   AIB B CA  
355 C C   . AIB B 9  ? 0.03811 0.04408 0.04362 0.01370  -0.01570 -0.00883 9   AIB B C   
356 O O   . AIB B 9  ? 0.05404 0.04890 0.05062 0.02185  -0.01773 -0.00692 9   AIB B O   
357 C CB1 . AIB B 9  ? 0.05543 0.04591 0.05692 0.01389  -0.01699 -0.00375 9   AIB B CB1 
358 C CB2 . AIB B 9  ? 0.04267 0.04277 0.05401 0.01590  -0.01379 -0.00943 9   AIB B CB2 
366 N N   . LEU B 10 ? 0.03053 0.03357 0.05254 0.00965  -0.01484 -0.00317 10  LEU B N   
367 C CA  . LEU B 10 ? 0.03242 0.04177 0.05984 0.01265  -0.01891 -0.01043 10  LEU B CA  
368 C C   . LEU B 10 ? 0.03099 0.04523 0.06258 0.01496  -0.01367 -0.01095 10  LEU B C   
369 O O   . LEU B 10 ? 0.03640 0.05467 0.07812 0.02000  -0.01201 -0.01677 10  LEU B O   
370 C CB  . LEU B 10 ? 0.03412 0.03292 0.06161 0.01312  -0.01956 -0.01357 10  LEU B CB  
371 C CG  . LEU B 10 ? 0.03054 0.04796 0.07200 0.00988  -0.02006 -0.01099 10  LEU B CG  
372 C CD1 . LEU B 10 ? 0.03360 0.05609 0.08400 0.01397  -0.01871 -0.00625 10  LEU B CD1 
373 C CD2 . LEU B 10 ? 0.03209 0.06980 0.07485 0.01293  -0.01995 -0.00446 10  LEU B CD2 
385 C C11 . I77 B 11 ? 0.03655 0.02787 0.06474 0.01164  -0.01308 -0.01093 11  I77 B C11 
386 C C12 . I77 B 11 ? 0.03430 0.02650 0.06352 0.01086  -0.01426 -0.01285 11  I77 B C12 
387 C C13 . I77 B 11 ? 0.03216 0.03191 0.06551 0.01337  -0.01281 -0.00863 11  I77 B C13 
388 C C17 . I77 B 11 ? 0.03763 0.03825 0.06286 0.01821  -0.01486 -0.00964 11  I77 B C17 
389 C C18 . I77 B 11 ? 0.02932 0.03305 0.05200 0.01502  -0.00882 -0.00942 11  I77 B C18 
390 C C02 . I77 B 11 ? 0.03514 0.04960 0.10003 0.00914  -0.01648 -0.03553 11  I77 B C02 
391 C C03 . I77 B 11 ? 0.03548 0.04522 0.08484 0.01062  -0.01882 -0.03213 11  I77 B C03 
392 C C04 . I77 B 11 ? 0.03528 0.04654 0.08667 0.01249  -0.01741 -0.02947 11  I77 B C04 
393 C C05 . I77 B 11 ? 0.02584 0.03280 0.07091 0.00674  -0.01098 -0.02280 11  I77 B C05 
394 C C06 . I77 B 11 ? 0.03777 0.04446 0.07389 0.01109  -0.02028 -0.03011 11  I77 B C06 
395 C C08 . I77 B 11 ? 0.03356 0.03259 0.07097 0.01018  -0.01428 -0.02111 11  I77 B C08 
396 C C09 . I77 B 11 ? 0.03177 0.02780 0.05780 0.00992  -0.01239 -0.01767 11  I77 B C09 
397 N N01 . I77 B 11 ? 0.03790 0.04577 0.11924 0.00818  -0.01743 -0.02492 11  I77 B N01 
398 N N07 . I77 B 11 ? 0.04245 0.05043 0.08271 0.01756  -0.01815 -0.02042 11  I77 B N07 
399 N N10 . I77 B 11 ? 0.03956 0.03722 0.07014 0.01362  -0.01726 -0.01521 11  I77 B N10 
400 N N14 . I77 B 11 ? 0.02829 0.05417 0.06435 0.01613  -0.00975 0.00023  11  I77 B N14 
401 N N15 . I77 B 11 ? 0.02585 0.05059 0.06434 0.01325  -0.01243 -0.00740 11  I77 B N15 
402 O O16 . I77 B 11 ? 0.03166 0.04376 0.06949 0.01568  -0.01263 -0.00020 11  I77 B O16 
403 O O19 . I77 B 11 ? 0.03681 0.09418 0.08871 0.01504  -0.01064 -0.03715 11  I77 B O19 
414 O O   . HOH C .  ? 0.04256 0.05258 0.05967 0.00753  -0.01917 -0.00876 201 HOH A O   
415 O O   . HOH C .  ? 0.05526 0.05328 0.05416 0.01694  -0.00722 -0.00023 202 HOH A O   
416 O O   . HOH C .  ? 0.05399 0.05988 0.05795 0.01075  -0.02549 -0.00418 203 HOH A O   
417 O O   . HOH C .  ? 0.13175 0.08578 0.08528 -0.02953 0.00852  -0.02159 204 HOH A O   
418 O O   . HOH C .  ? 0.08988 0.20234 0.12204 0.02407  -0.02311 0.05496  205 HOH A O   
419 O O   . HOH C .  ? 0.17118 0.30063 0.14262 0.10515  0.00786  0.06590  206 HOH A O   
420 O O   . HOH D .  ? 0.12266 0.32085 0.12006 0.05543  -0.02275 0.02623  201 HOH B O   
421 O O   . HOH D .  ? 0.07171 0.09639 0.08466 0.04776  -0.01213 -0.00706 202 HOH B O   
422 O O   . HOH D .  ? 0.04718 0.04815 0.06090 0.02236  -0.01470 -0.00134 203 HOH B O   
423 O O   . HOH D .  ? 0.25011 0.17204 0.16524 -0.10413 -0.09848 0.07139  204 HOH B O   
424 O O   . HOH D .  ? 0.04682 0.04899 0.08111 0.01267  -0.00677 -0.00926 205 HOH B O   
425 O O   . HOH D .  ? 0.10217 0.17211 0.23431 0.02703  -0.03372 0.03699  206 HOH B O   
426 O O   . HOH D .  ? 0.14159 0.43889 0.21254 -0.05897 0.02433  -0.14338 207 HOH B O   
427 O O   . HOH D .  ? 0.15172 0.46323 0.21340 -0.06196 -0.03192 0.15491  208 HOH B O   
428 O O   . HOH D .  ? 0.14872 0.40481 0.24863 0.05799  -0.06915 -0.00326 209 HOH B O   
429 O O   . HOH D .  ? 0.14259 0.08725 0.11953 0.03148  -0.00682 -0.01069 210 HOH B O   
430 O O   . HOH D .  ? 0.09409 0.11589 0.16643 -0.00445 -0.04104 0.02571  211 HOH B O   
431 O O   . HOH D .  ? 0.11936 0.11422 0.25195 0.01151  -0.07818 -0.00247 212 HOH B O   
432 O O   . HOH D .  ? 0.17750 0.21169 0.11178 0.00831  -0.03152 0.02912  213 HOH B O   
# 
